data_7TVK
#
_entry.id   7TVK
#
_cell.length_a   50.967
_cell.length_b   86.914
_cell.length_c   146.397
_cell.angle_alpha   90.000
_cell.angle_beta   90.000
_cell.angle_gamma   90.000
#
_symmetry.space_group_name_H-M   'P 21 21 21'
#
loop_
_entity.id
_entity.type
_entity.pdbx_description
1 polymer 'Malonate Semialdehyde Decarboxylase'
2 water water
#
_entity_poly.entity_id   1
_entity_poly.type   'polypeptide(L)'
_entity_poly.pdbx_seq_one_letter_code
;PQLKIYGLREFLDPIKQELSDIINSCMTDALQYPPEKRNQRFFPLERSDFFYPPDRTERYTIIELSMFEGRSVAAKKQLI
RLLFERVQPLGISAQDLEITIFETPKHNWGFRGLPGDEH
;
_entity_poly.pdbx_strand_id   A,B,C,D,E,F
#
# COMPACT_ATOMS: atom_id res chain seq x y z
N PRO A 1 8.43 -11.84 13.68
CA PRO A 1 6.99 -11.56 13.74
C PRO A 1 6.47 -11.42 15.17
N GLN A 2 5.65 -10.42 15.43
CA GLN A 2 5.17 -10.11 16.76
C GLN A 2 3.68 -10.41 16.87
N LEU A 3 3.30 -11.05 17.98
CA LEU A 3 1.91 -11.39 18.24
C LEU A 3 1.43 -10.71 19.50
N LYS A 4 0.17 -10.28 19.49
CA LYS A 4 -0.50 -9.74 20.66
C LYS A 4 -1.83 -10.47 20.81
N ILE A 5 -2.10 -10.95 22.02
CA ILE A 5 -3.28 -11.77 22.30
C ILE A 5 -4.12 -11.09 23.37
N TYR A 6 -5.42 -10.95 23.09
CA TYR A 6 -6.35 -10.28 24.00
C TYR A 6 -7.48 -11.23 24.35
N GLY A 7 -7.93 -11.14 25.59
CA GLY A 7 -9.06 -11.94 26.04
C GLY A 7 -9.37 -11.61 27.48
N LEU A 8 -10.58 -12.01 27.89
CA LEU A 8 -10.98 -11.83 29.28
C LEU A 8 -10.00 -12.53 30.20
N ARG A 9 -9.63 -11.85 31.29
CA ARG A 9 -8.60 -12.37 32.19
C ARG A 9 -8.99 -13.74 32.76
N GLU A 10 -10.26 -13.88 33.18
CA GLU A 10 -10.68 -15.08 33.89
C GLU A 10 -10.56 -16.34 33.03
N PHE A 11 -10.63 -16.19 31.71
CA PHE A 11 -10.58 -17.34 30.81
C PHE A 11 -9.31 -17.41 29.97
N LEU A 12 -8.51 -16.34 29.92
CA LEU A 12 -7.27 -16.36 29.18
C LEU A 12 -6.08 -16.79 30.03
N ASP A 13 -6.12 -16.52 31.34
CA ASP A 13 -5.02 -16.86 32.23
C ASP A 13 -4.87 -18.37 32.44
N PRO A 14 -5.96 -19.15 32.60
CA PRO A 14 -5.78 -20.60 32.73
C PRO A 14 -5.14 -21.27 31.53
N ILE A 15 -5.36 -20.76 30.33
CA ILE A 15 -4.88 -21.40 29.11
C ILE A 15 -3.72 -20.62 28.47
N LYS A 16 -3.09 -19.72 29.22
CA LYS A 16 -2.10 -18.83 28.63
C LYS A 16 -0.88 -19.59 28.12
N GLN A 17 -0.40 -20.56 28.89
CA GLN A 17 0.83 -21.26 28.51
C GLN A 17 0.62 -22.15 27.29
N GLU A 18 -0.46 -22.94 27.30
CA GLU A 18 -0.72 -23.84 26.18
C GLU A 18 -1.08 -23.07 24.92
N LEU A 19 -1.87 -22.00 25.05
CA LEU A 19 -2.19 -21.16 23.89
C LEU A 19 -0.92 -20.58 23.29
N SER A 20 0.04 -20.18 24.12
CA SER A 20 1.29 -19.63 23.63
C SER A 20 2.02 -20.62 22.73
N ASP A 21 2.13 -21.87 23.18
CA ASP A 21 2.85 -22.87 22.40
C ASP A 21 2.08 -23.25 21.14
N ILE A 22 0.75 -23.30 21.24
CA ILE A 22 -0.07 -23.67 20.07
C ILE A 22 0.04 -22.59 19.00
N ILE A 23 -0.10 -21.32 19.39
CA ILE A 23 0.08 -20.22 18.43
C ILE A 23 1.48 -20.29 17.82
N ASN A 24 2.49 -20.59 18.65
CA ASN A 24 3.85 -20.68 18.14
C ASN A 24 4.00 -21.83 17.15
N SER A 25 3.28 -22.93 17.37
CA SER A 25 3.33 -24.04 16.43
C SER A 25 2.72 -23.66 15.09
N CYS A 26 1.67 -22.83 15.10
CA CYS A 26 1.09 -22.37 13.85
C CYS A 26 2.05 -21.45 13.11
N MET A 27 2.81 -20.64 13.85
CA MET A 27 3.81 -19.78 13.22
C MET A 27 4.89 -20.61 12.54
N THR A 28 5.28 -21.72 13.14
CA THR A 28 6.31 -22.58 12.57
C THR A 28 5.80 -23.39 11.39
N ASP A 29 4.56 -23.87 11.46
CA ASP A 29 4.07 -24.80 10.45
C ASP A 29 3.58 -24.09 9.20
N ALA A 30 2.94 -22.93 9.35
CA ALA A 30 2.39 -22.22 8.20
C ALA A 30 3.37 -21.22 7.60
N LEU A 31 4.27 -20.66 8.41
CA LEU A 31 5.17 -19.60 7.95
C LEU A 31 6.64 -19.94 8.13
N GLN A 32 6.97 -21.12 8.65
CA GLN A 32 8.35 -21.63 8.70
C GLN A 32 9.24 -20.79 9.61
N TYR A 33 8.67 -20.29 10.70
CA TYR A 33 9.63 -19.64 11.58
C TYR A 33 10.14 -20.62 12.63
N PRO A 34 11.42 -20.57 12.98
CA PRO A 34 11.95 -21.48 13.99
C PRO A 34 11.25 -21.28 15.32
N PRO A 35 10.93 -22.36 16.04
CA PRO A 35 10.16 -22.25 17.28
C PRO A 35 10.71 -21.25 18.29
N GLU A 36 12.03 -21.08 18.36
CA GLU A 36 12.62 -20.21 19.37
C GLU A 36 12.46 -18.73 19.06
N LYS A 37 11.89 -18.36 17.92
CA LYS A 37 11.63 -16.96 17.59
C LYS A 37 10.28 -16.49 18.08
N ARG A 38 9.75 -17.10 19.15
CA ARG A 38 8.42 -16.79 19.64
C ARG A 38 8.38 -15.40 20.26
N ASN A 39 7.49 -14.55 19.77
CA ASN A 39 7.35 -13.15 20.21
C ASN A 39 5.86 -12.87 20.46
N GLN A 40 5.43 -13.03 21.71
CA GLN A 40 4.02 -12.91 22.05
C GLN A 40 3.84 -12.03 23.27
N ARG A 41 2.81 -11.18 23.23
CA ARG A 41 2.41 -10.36 24.37
C ARG A 41 0.93 -10.58 24.64
N PHE A 42 0.61 -10.91 25.88
CA PHE A 42 -0.77 -11.18 26.29
C PHE A 42 -1.34 -10.00 27.05
N PHE A 43 -2.62 -9.73 26.82
CA PHE A 43 -3.33 -8.61 27.47
C PHE A 43 -4.64 -9.15 28.04
N PRO A 44 -4.61 -9.71 29.24
CA PRO A 44 -5.86 -10.15 29.89
C PRO A 44 -6.67 -8.94 30.32
N LEU A 45 -7.93 -8.90 29.90
CA LEU A 45 -8.79 -7.74 30.10
C LEU A 45 -9.84 -8.03 31.17
N GLU A 46 -10.22 -6.99 31.89
CA GLU A 46 -11.38 -7.05 32.76
C GLU A 46 -12.65 -6.95 31.93
N ARG A 47 -13.76 -7.44 32.50
CA ARG A 47 -15.02 -7.48 31.77
C ARG A 47 -15.47 -6.09 31.36
N SER A 48 -15.20 -5.08 32.19
CA SER A 48 -15.63 -3.71 31.89
C SER A 48 -14.83 -3.06 30.76
N ASP A 49 -13.72 -3.66 30.35
CA ASP A 49 -12.88 -3.11 29.30
C ASP A 49 -13.08 -3.79 27.95
N PHE A 50 -13.84 -4.89 27.90
CA PHE A 50 -13.91 -5.76 26.74
C PHE A 50 -15.33 -5.78 26.19
N PHE A 51 -15.60 -4.94 25.20
CA PHE A 51 -16.93 -4.85 24.57
C PHE A 51 -16.89 -5.64 23.28
N TYR A 52 -17.15 -6.95 23.39
CA TYR A 52 -17.18 -7.85 22.25
C TYR A 52 -18.62 -8.07 21.79
N PRO A 53 -18.82 -8.57 20.57
CA PRO A 53 -20.19 -8.71 20.07
C PRO A 53 -20.99 -9.67 20.91
N PRO A 54 -22.29 -9.42 21.07
CA PRO A 54 -23.14 -10.34 21.87
C PRO A 54 -23.34 -11.69 21.22
N ASP A 55 -23.04 -11.86 19.93
CA ASP A 55 -23.11 -13.17 19.31
C ASP A 55 -22.02 -14.11 19.82
N ARG A 56 -21.09 -13.61 20.61
CA ARG A 56 -19.95 -14.38 21.09
C ARG A 56 -20.01 -14.53 22.60
N THR A 57 -19.13 -15.37 23.13
CA THR A 57 -19.12 -15.74 24.54
C THR A 57 -17.94 -15.10 25.25
N GLU A 58 -17.84 -15.35 26.55
CA GLU A 58 -16.80 -14.76 27.38
C GLU A 58 -15.40 -15.25 27.03
N ARG A 59 -15.28 -16.30 26.22
CA ARG A 59 -13.99 -16.82 25.79
C ARG A 59 -13.50 -16.16 24.50
N TYR A 60 -14.20 -15.14 24.02
CA TYR A 60 -13.81 -14.43 22.80
C TYR A 60 -12.38 -13.95 22.89
N THR A 61 -11.59 -14.25 21.85
CA THR A 61 -10.16 -14.01 21.85
C THR A 61 -9.74 -13.36 20.53
N ILE A 62 -8.80 -12.42 20.62
CA ILE A 62 -8.29 -11.68 19.47
C ILE A 62 -6.79 -11.87 19.40
N ILE A 63 -6.29 -12.21 18.22
CA ILE A 63 -4.86 -12.29 17.94
C ILE A 63 -4.52 -11.27 16.87
N GLU A 64 -3.56 -10.40 17.16
CA GLU A 64 -3.03 -9.44 16.20
C GLU A 64 -1.59 -9.83 15.87
N LEU A 65 -1.26 -9.84 14.58
CA LEU A 65 0.03 -10.32 14.11
C LEU A 65 0.66 -9.28 13.20
N SER A 66 1.86 -8.83 13.57
CA SER A 66 2.67 -7.94 12.76
C SER A 66 3.86 -8.72 12.22
N MET A 67 4.09 -8.62 10.92
CA MET A 67 5.17 -9.36 10.28
C MET A 67 5.55 -8.67 8.98
N PHE A 68 6.63 -9.17 8.37
CA PHE A 68 7.08 -8.64 7.08
C PHE A 68 6.03 -8.88 6.00
N GLU A 69 5.90 -7.91 5.10
CA GLU A 69 5.21 -8.18 3.86
C GLU A 69 6.09 -9.08 2.99
N GLY A 70 5.47 -9.69 1.99
CA GLY A 70 6.18 -10.56 1.07
C GLY A 70 5.77 -12.01 1.13
N ARG A 71 4.97 -12.41 2.12
CA ARG A 71 4.42 -13.75 2.17
C ARG A 71 3.14 -13.81 1.35
N SER A 72 2.87 -14.98 0.78
CA SER A 72 1.73 -15.13 -0.12
C SER A 72 0.41 -15.19 0.65
N VAL A 73 -0.68 -15.02 -0.09
CA VAL A 73 -2.01 -15.19 0.50
C VAL A 73 -2.20 -16.62 0.97
N ALA A 74 -1.68 -17.59 0.22
CA ALA A 74 -1.85 -19.00 0.57
C ALA A 74 -1.25 -19.31 1.94
N ALA A 75 -0.06 -18.75 2.22
CA ALA A 75 0.58 -19.01 3.51
C ALA A 75 -0.14 -18.30 4.63
N LYS A 76 -0.59 -17.06 4.40
CA LYS A 76 -1.35 -16.35 5.42
C LYS A 76 -2.70 -17.02 5.67
N LYS A 77 -3.33 -17.55 4.61
CA LYS A 77 -4.57 -18.28 4.79
C LYS A 77 -4.34 -19.57 5.54
N GLN A 78 -3.23 -20.26 5.27
CA GLN A 78 -2.91 -21.49 5.99
C GLN A 78 -2.72 -21.22 7.48
N LEU A 79 -2.08 -20.11 7.81
CA LEU A 79 -1.88 -19.76 9.22
C LEU A 79 -3.21 -19.51 9.91
N ILE A 80 -4.13 -18.80 9.24
CA ILE A 80 -5.44 -18.53 9.83
C ILE A 80 -6.19 -19.83 10.06
N ARG A 81 -6.10 -20.77 9.12
CA ARG A 81 -6.81 -22.04 9.28
C ARG A 81 -6.18 -22.89 10.38
N LEU A 82 -4.85 -22.84 10.52
CA LEU A 82 -4.21 -23.57 11.61
C LEU A 82 -4.59 -23.01 12.97
N LEU A 83 -4.70 -21.68 13.08
CA LEU A 83 -5.06 -21.07 14.36
C LEU A 83 -6.47 -21.46 14.79
N PHE A 84 -7.43 -21.42 13.86
CA PHE A 84 -8.79 -21.81 14.20
C PHE A 84 -8.87 -23.27 14.63
N GLU A 85 -8.15 -24.15 13.92
CA GLU A 85 -8.29 -25.58 14.18
C GLU A 85 -7.65 -25.98 15.51
N ARG A 86 -6.51 -25.38 15.85
CA ARG A 86 -5.72 -25.85 16.98
C ARG A 86 -6.06 -25.18 18.30
N VAL A 87 -6.87 -24.11 18.31
CA VAL A 87 -7.33 -23.53 19.56
C VAL A 87 -8.64 -24.17 20.05
N GLN A 88 -9.27 -25.00 19.23
CA GLN A 88 -10.51 -25.68 19.63
C GLN A 88 -10.43 -26.39 20.97
N PRO A 89 -9.42 -27.23 21.26
CA PRO A 89 -9.42 -27.93 22.56
C PRO A 89 -9.27 -27.01 23.75
N LEU A 90 -8.81 -25.78 23.55
CA LEU A 90 -8.73 -24.81 24.63
C LEU A 90 -10.07 -24.17 24.95
N GLY A 91 -11.16 -24.61 24.31
CA GLY A 91 -12.45 -24.00 24.51
C GLY A 91 -12.71 -22.77 23.68
N ILE A 92 -11.89 -22.51 22.66
CA ILE A 92 -12.03 -21.34 21.80
C ILE A 92 -12.55 -21.84 20.46
N SER A 93 -13.85 -21.75 20.26
CA SER A 93 -14.45 -22.18 19.01
C SER A 93 -14.27 -21.11 17.93
N ALA A 94 -14.67 -21.46 16.71
CA ALA A 94 -14.46 -20.57 15.57
C ALA A 94 -15.15 -19.22 15.75
N GLN A 95 -16.31 -19.20 16.41
CA GLN A 95 -16.98 -17.94 16.65
C GLN A 95 -16.21 -17.06 17.63
N ASP A 96 -15.40 -17.64 18.51
CA ASP A 96 -14.74 -16.89 19.58
C ASP A 96 -13.27 -16.61 19.28
N LEU A 97 -12.87 -16.63 18.02
CA LEU A 97 -11.51 -16.27 17.63
C LEU A 97 -11.56 -15.25 16.51
N GLU A 98 -10.68 -14.25 16.59
CA GLU A 98 -10.54 -13.26 15.54
C GLU A 98 -9.06 -12.95 15.34
N ILE A 99 -8.64 -12.88 14.09
CA ILE A 99 -7.24 -12.72 13.74
C ILE A 99 -7.12 -11.56 12.75
N THR A 100 -6.10 -10.71 12.95
CA THR A 100 -5.76 -9.67 12.00
C THR A 100 -4.25 -9.70 11.76
N ILE A 101 -3.86 -9.66 10.49
CA ILE A 101 -2.46 -9.64 10.09
C ILE A 101 -2.14 -8.27 9.51
N PHE A 102 -1.10 -7.63 10.04
CA PHE A 102 -0.58 -6.39 9.49
C PHE A 102 0.80 -6.63 8.91
N GLU A 103 1.05 -6.06 7.73
CA GLU A 103 2.31 -6.26 7.02
C GLU A 103 2.96 -4.91 6.77
N THR A 104 4.25 -4.82 7.08
CA THR A 104 5.06 -3.63 6.85
C THR A 104 6.36 -4.02 6.17
N PRO A 105 6.97 -3.10 5.41
CA PRO A 105 8.24 -3.42 4.76
C PRO A 105 9.33 -3.69 5.78
N LYS A 106 10.32 -4.49 5.37
CA LYS A 106 11.39 -4.88 6.27
C LYS A 106 12.23 -3.68 6.69
N HIS A 107 12.32 -2.66 5.83
CA HIS A 107 13.09 -1.47 6.21
C HIS A 107 12.36 -0.62 7.23
N ASN A 108 11.11 -0.94 7.56
CA ASN A 108 10.41 -0.29 8.66
C ASN A 108 10.63 -1.00 9.99
N TRP A 109 11.28 -2.16 9.98
CA TRP A 109 11.59 -2.92 11.19
C TRP A 109 13.02 -2.65 11.63
N GLY A 110 13.25 -2.82 12.93
CA GLY A 110 14.59 -2.84 13.50
C GLY A 110 14.73 -3.96 14.50
N PHE A 111 15.77 -4.77 14.37
CA PHE A 111 16.03 -5.81 15.36
C PHE A 111 17.52 -6.13 15.36
N ARG A 112 18.06 -6.43 16.54
CA ARG A 112 19.45 -6.85 16.70
C ARG A 112 20.41 -5.82 16.10
N GLY A 113 20.04 -4.54 16.20
CA GLY A 113 20.94 -3.44 15.90
C GLY A 113 21.00 -2.99 14.46
N LEU A 114 20.17 -3.52 13.58
CA LEU A 114 20.19 -3.14 12.18
C LEU A 114 18.77 -3.05 11.66
N PRO A 115 18.54 -2.27 10.60
CA PRO A 115 17.24 -2.31 9.92
C PRO A 115 16.95 -3.72 9.40
N GLY A 116 15.65 -3.99 9.23
CA GLY A 116 15.22 -5.34 8.88
C GLY A 116 15.70 -5.77 7.51
N ASP A 117 15.71 -4.86 6.55
CA ASP A 117 16.21 -5.17 5.21
C ASP A 117 17.72 -5.37 5.18
N GLU A 118 18.40 -5.24 6.31
CA GLU A 118 19.85 -5.39 6.36
C GLU A 118 20.24 -6.65 7.15
N PRO B 1 2.95 11.62 15.49
CA PRO B 1 3.56 10.29 15.65
C PRO B 1 3.24 9.68 17.00
N GLN B 2 2.60 8.50 16.98
CA GLN B 2 2.20 7.80 18.20
C GLN B 2 3.16 6.65 18.46
N LEU B 3 3.63 6.55 19.70
CA LEU B 3 4.59 5.53 20.10
C LEU B 3 4.02 4.67 21.22
N LYS B 4 4.19 3.36 21.07
CA LYS B 4 3.83 2.38 22.09
C LYS B 4 5.10 1.65 22.50
N ILE B 5 5.30 1.51 23.82
CA ILE B 5 6.51 0.91 24.36
C ILE B 5 6.11 -0.20 25.31
N TYR B 6 6.71 -1.38 25.13
CA TYR B 6 6.36 -2.57 25.89
C TYR B 6 7.60 -3.16 26.55
N GLY B 7 7.39 -3.81 27.69
CA GLY B 7 8.47 -4.44 28.41
C GLY B 7 8.02 -4.90 29.77
N LEU B 8 8.87 -5.71 30.40
CA LEU B 8 8.58 -6.17 31.75
C LEU B 8 8.59 -5.00 32.73
N ARG B 9 7.62 -5.01 33.65
CA ARG B 9 7.46 -3.88 34.56
C ARG B 9 8.68 -3.69 35.46
N GLU B 10 9.36 -4.78 35.82
CA GLU B 10 10.53 -4.68 36.69
C GLU B 10 11.54 -3.68 36.16
N PHE B 11 11.78 -3.69 34.85
CA PHE B 11 12.86 -2.93 34.24
C PHE B 11 12.38 -1.73 33.45
N LEU B 12 11.10 -1.66 33.10
CA LEU B 12 10.60 -0.52 32.35
C LEU B 12 10.22 0.64 33.26
N ASP B 13 9.64 0.34 34.42
CA ASP B 13 9.23 1.39 35.35
C ASP B 13 10.36 2.28 35.81
N PRO B 14 11.52 1.75 36.25
CA PRO B 14 12.57 2.66 36.76
C PRO B 14 13.21 3.53 35.69
N ILE B 15 13.07 3.20 34.41
CA ILE B 15 13.79 3.88 33.35
C ILE B 15 12.87 4.63 32.41
N LYS B 16 11.54 4.50 32.56
CA LYS B 16 10.65 4.94 31.49
C LYS B 16 10.60 6.46 31.36
N GLN B 17 10.81 7.20 32.44
CA GLN B 17 10.89 8.66 32.31
C GLN B 17 12.12 9.05 31.50
N GLU B 18 13.25 8.41 31.76
CA GLU B 18 14.44 8.64 30.94
C GLU B 18 14.25 8.09 29.53
N LEU B 19 13.60 6.92 29.41
CA LEU B 19 13.33 6.33 28.10
C LEU B 19 12.40 7.22 27.29
N SER B 20 11.47 7.92 27.93
CA SER B 20 10.54 8.77 27.22
C SER B 20 11.27 9.93 26.55
N ASP B 21 12.15 10.61 27.29
CA ASP B 21 12.90 11.72 26.71
C ASP B 21 13.87 11.25 25.65
N ILE B 22 14.47 10.07 25.85
CA ILE B 22 15.42 9.55 24.87
C ILE B 22 14.71 9.24 23.56
N ILE B 23 13.57 8.56 23.64
CA ILE B 23 12.79 8.27 22.43
C ILE B 23 12.37 9.57 21.75
N ASN B 24 11.85 10.52 22.53
CA ASN B 24 11.40 11.78 21.96
C ASN B 24 12.56 12.55 21.33
N SER B 25 13.76 12.40 21.86
CA SER B 25 14.93 13.04 21.24
C SER B 25 15.26 12.40 19.90
N CYS B 26 15.07 11.09 19.78
CA CYS B 26 15.32 10.42 18.50
C CYS B 26 14.29 10.81 17.45
N MET B 27 13.04 11.04 17.86
CA MET B 27 12.03 11.47 16.90
C MET B 27 12.32 12.88 16.39
N THR B 28 12.78 13.77 17.28
CA THR B 28 13.12 15.13 16.86
C THR B 28 14.39 15.16 16.02
N ASP B 29 15.38 14.33 16.40
CA ASP B 29 16.64 14.33 15.66
C ASP B 29 16.48 13.75 14.26
N ALA B 30 15.69 12.69 14.12
CA ALA B 30 15.62 11.97 12.86
C ALA B 30 14.45 12.38 12.00
N LEU B 31 13.33 12.81 12.59
CA LEU B 31 12.16 13.18 11.83
C LEU B 31 11.63 14.58 12.13
N GLN B 32 12.34 15.37 12.95
CA GLN B 32 12.08 16.80 13.15
C GLN B 32 10.63 17.06 13.54
N TYR B 33 10.11 16.24 14.43
CA TYR B 33 8.95 16.74 15.13
C TYR B 33 9.41 17.72 16.20
N PRO B 34 8.62 18.73 16.53
CA PRO B 34 8.91 19.55 17.71
C PRO B 34 8.88 18.69 18.95
N PRO B 35 9.81 18.89 19.89
CA PRO B 35 9.81 18.07 21.11
C PRO B 35 8.51 18.15 21.90
N GLU B 36 7.72 19.20 21.71
CA GLU B 36 6.43 19.34 22.37
C GLU B 36 5.34 18.49 21.74
N LYS B 37 5.63 17.78 20.64
CA LYS B 37 4.67 16.88 20.02
C LYS B 37 4.90 15.43 20.45
N ARG B 38 5.27 15.24 21.71
CA ARG B 38 5.51 13.90 22.23
C ARG B 38 4.21 13.15 22.42
N ASN B 39 4.18 11.89 21.99
CA ASN B 39 2.95 11.08 22.01
C ASN B 39 3.37 9.62 22.23
N GLN B 40 3.37 9.20 23.49
CA GLN B 40 3.87 7.89 23.86
C GLN B 40 2.91 7.20 24.83
N ARG B 41 2.83 5.87 24.71
CA ARG B 41 2.06 5.03 25.62
C ARG B 41 2.93 3.87 26.04
N PHE B 42 3.10 3.70 27.35
CA PHE B 42 3.91 2.62 27.90
C PHE B 42 3.00 1.52 28.43
N PHE B 43 3.42 0.27 28.22
CA PHE B 43 2.66 -0.90 28.67
C PHE B 43 3.60 -1.81 29.45
N PRO B 44 3.77 -1.56 30.75
CA PRO B 44 4.61 -2.45 31.57
C PRO B 44 3.92 -3.80 31.78
N LEU B 45 4.63 -4.86 31.42
CA LEU B 45 4.04 -6.20 31.38
C LEU B 45 4.53 -7.05 32.53
N GLU B 46 3.70 -8.01 32.93
CA GLU B 46 4.07 -8.99 33.94
C GLU B 46 4.74 -10.18 33.29
N ARG B 47 5.39 -11.00 34.12
CA ARG B 47 6.23 -12.08 33.61
C ARG B 47 5.43 -13.08 32.79
N SER B 48 4.23 -13.43 33.26
CA SER B 48 3.44 -14.45 32.58
C SER B 48 2.80 -13.95 31.30
N ASP B 49 2.92 -12.67 30.98
CA ASP B 49 2.29 -12.11 29.80
C ASP B 49 3.27 -11.80 28.67
N PHE B 50 4.57 -11.89 28.92
CA PHE B 50 5.59 -11.50 27.96
C PHE B 50 6.39 -12.74 27.55
N PHE B 51 6.14 -13.22 26.33
CA PHE B 51 6.81 -14.40 25.78
C PHE B 51 7.76 -13.93 24.67
N TYR B 52 8.98 -13.57 25.06
CA TYR B 52 10.00 -13.11 24.14
C TYR B 52 10.94 -14.25 23.78
N PRO B 53 11.76 -14.09 22.74
CA PRO B 53 12.66 -15.17 22.35
C PRO B 53 13.68 -15.43 23.44
N PRO B 54 14.12 -16.69 23.58
CA PRO B 54 15.07 -17.03 24.65
C PRO B 54 16.49 -16.56 24.41
N ASP B 55 16.82 -16.07 23.22
CA ASP B 55 18.11 -15.44 23.00
C ASP B 55 18.15 -14.00 23.51
N ARG B 56 17.12 -13.60 24.26
CA ARG B 56 17.00 -12.24 24.77
C ARG B 56 16.79 -12.29 26.27
N THR B 57 17.05 -11.17 26.93
CA THR B 57 17.03 -11.08 28.38
C THR B 57 15.69 -10.50 28.85
N GLU B 58 15.59 -10.27 30.16
CA GLU B 58 14.42 -9.60 30.74
C GLU B 58 14.35 -8.13 30.37
N ARG B 59 15.40 -7.57 29.79
CA ARG B 59 15.42 -6.17 29.36
C ARG B 59 14.79 -5.97 27.98
N TYR B 60 14.31 -7.04 27.35
CA TYR B 60 13.71 -6.94 26.03
C TYR B 60 12.62 -5.87 26.02
N THR B 61 12.72 -4.94 25.07
CA THR B 61 11.80 -3.83 24.95
C THR B 61 11.36 -3.69 23.50
N ILE B 62 10.06 -3.45 23.30
CA ILE B 62 9.48 -3.31 21.98
C ILE B 62 8.94 -1.90 21.83
N ILE B 63 9.25 -1.26 20.70
CA ILE B 63 8.78 0.08 20.39
C ILE B 63 8.02 0.01 19.08
N GLU B 64 6.75 0.42 19.10
CA GLU B 64 5.93 0.51 17.91
C GLU B 64 5.73 1.97 17.57
N LEU B 65 5.95 2.33 16.30
CA LEU B 65 5.75 3.68 15.82
C LEU B 65 4.69 3.67 14.73
N SER B 66 3.66 4.48 14.91
CA SER B 66 2.63 4.70 13.90
C SER B 66 2.62 6.17 13.52
N MET B 67 2.80 6.46 12.24
CA MET B 67 2.92 7.83 11.77
C MET B 67 2.40 7.95 10.35
N PHE B 68 2.50 9.15 9.79
CA PHE B 68 2.08 9.40 8.43
C PHE B 68 2.99 8.70 7.43
N GLU B 69 2.42 8.33 6.29
CA GLU B 69 3.22 7.97 5.14
C GLU B 69 4.04 9.19 4.69
N GLY B 70 5.13 8.92 3.99
CA GLY B 70 5.85 9.98 3.29
C GLY B 70 7.29 10.20 3.71
N ARG B 71 7.74 9.67 4.84
CA ARG B 71 9.14 9.81 5.22
C ARG B 71 9.98 8.78 4.49
N SER B 72 11.23 9.15 4.21
CA SER B 72 12.10 8.30 3.42
C SER B 72 12.60 7.11 4.24
N VAL B 73 13.07 6.09 3.52
CA VAL B 73 13.70 4.95 4.18
C VAL B 73 14.92 5.41 4.96
N ALA B 74 15.72 6.32 4.38
CA ALA B 74 16.93 6.79 5.03
C ALA B 74 16.62 7.48 6.36
N ALA B 75 15.58 8.32 6.38
CA ALA B 75 15.20 8.98 7.61
C ALA B 75 14.72 7.96 8.64
N LYS B 76 13.87 7.02 8.21
CA LYS B 76 13.40 5.99 9.12
C LYS B 76 14.55 5.11 9.60
N LYS B 77 15.52 4.83 8.73
CA LYS B 77 16.66 4.02 9.13
C LYS B 77 17.51 4.74 10.17
N GLN B 78 17.71 6.05 9.99
CA GLN B 78 18.46 6.84 10.96
C GLN B 78 17.76 6.83 12.31
N LEU B 79 16.42 6.93 12.31
CA LEU B 79 15.66 6.85 13.55
C LEU B 79 15.90 5.52 14.24
N ILE B 80 15.95 4.43 13.48
CA ILE B 80 16.21 3.11 14.06
C ILE B 80 17.61 3.06 14.66
N ARG B 81 18.61 3.57 13.94
CA ARG B 81 19.98 3.53 14.43
C ARG B 81 20.14 4.38 15.69
N LEU B 82 19.48 5.55 15.73
CA LEU B 82 19.57 6.40 16.91
C LEU B 82 18.95 5.74 18.13
N LEU B 83 17.78 5.11 17.95
CA LEU B 83 17.13 4.42 19.07
C LEU B 83 18.04 3.33 19.63
N PHE B 84 18.67 2.54 18.75
CA PHE B 84 19.60 1.52 19.21
C PHE B 84 20.77 2.14 19.96
N GLU B 85 21.33 3.23 19.44
CA GLU B 85 22.51 3.82 20.05
C GLU B 85 22.18 4.48 21.39
N ARG B 86 21.01 5.11 21.49
CA ARG B 86 20.72 5.94 22.66
C ARG B 86 20.06 5.18 23.80
N VAL B 87 19.49 3.99 23.54
CA VAL B 87 18.99 3.18 24.65
C VAL B 87 20.10 2.40 25.35
N GLN B 88 21.34 2.52 24.89
CA GLN B 88 22.44 1.81 25.53
C GLN B 88 22.65 2.24 26.98
N PRO B 89 22.75 3.53 27.31
CA PRO B 89 23.01 3.90 28.72
C PRO B 89 21.99 3.36 29.71
N LEU B 90 20.73 3.20 29.29
CA LEU B 90 19.72 2.62 30.17
C LEU B 90 19.82 1.10 30.26
N GLY B 91 20.86 0.49 29.68
CA GLY B 91 21.09 -0.93 29.84
C GLY B 91 20.32 -1.84 28.90
N ILE B 92 19.86 -1.33 27.76
CA ILE B 92 19.14 -2.13 26.77
C ILE B 92 20.06 -2.33 25.58
N SER B 93 20.47 -3.57 25.35
CA SER B 93 21.42 -3.88 24.29
C SER B 93 20.71 -4.01 22.94
N ALA B 94 21.51 -4.06 21.88
CA ALA B 94 20.95 -4.15 20.53
C ALA B 94 20.07 -5.37 20.36
N GLN B 95 20.48 -6.50 20.93
CA GLN B 95 19.67 -7.71 20.86
C GLN B 95 18.35 -7.56 21.61
N ASP B 96 18.27 -6.62 22.55
CA ASP B 96 17.12 -6.49 23.44
C ASP B 96 16.16 -5.36 23.06
N LEU B 97 16.30 -4.80 21.85
CA LEU B 97 15.40 -3.75 21.38
C LEU B 97 14.88 -4.13 20.01
N GLU B 98 13.56 -4.06 19.84
CA GLU B 98 12.91 -4.34 18.56
C GLU B 98 11.97 -3.19 18.24
N ILE B 99 12.01 -2.74 16.98
CA ILE B 99 11.29 -1.56 16.53
C ILE B 99 10.43 -1.93 15.33
N THR B 100 9.19 -1.42 15.30
CA THR B 100 8.31 -1.60 14.16
C THR B 100 7.63 -0.27 13.86
N ILE B 101 7.63 0.11 12.58
CA ILE B 101 7.06 1.38 12.13
C ILE B 101 5.90 1.09 11.20
N PHE B 102 4.73 1.64 11.52
CA PHE B 102 3.55 1.55 10.67
C PHE B 102 3.25 2.91 10.07
N GLU B 103 2.88 2.92 8.79
CA GLU B 103 2.56 4.14 8.07
C GLU B 103 1.14 4.07 7.52
N THR B 104 0.42 5.20 7.63
CA THR B 104 -0.93 5.33 7.10
C THR B 104 -1.05 6.70 6.45
N PRO B 105 -1.94 6.85 5.45
CA PRO B 105 -2.13 8.16 4.85
C PRO B 105 -2.72 9.15 5.83
N LYS B 106 -2.62 10.44 5.48
CA LYS B 106 -3.05 11.48 6.40
C LYS B 106 -4.56 11.53 6.56
N HIS B 107 -5.31 11.19 5.50
CA HIS B 107 -6.77 11.23 5.62
C HIS B 107 -7.32 10.14 6.54
N ASN B 108 -6.49 9.17 6.93
CA ASN B 108 -6.89 8.16 7.91
C ASN B 108 -6.75 8.65 9.34
N TRP B 109 -6.23 9.85 9.56
CA TRP B 109 -6.00 10.38 10.89
C TRP B 109 -7.05 11.45 11.23
N GLY B 110 -7.40 11.49 12.50
CA GLY B 110 -8.17 12.60 13.03
C GLY B 110 -7.45 13.18 14.23
N PHE B 111 -7.23 14.49 14.23
CA PHE B 111 -6.64 15.16 15.37
C PHE B 111 -7.00 16.64 15.31
N ARG B 112 -7.20 17.25 16.47
CA ARG B 112 -7.54 18.67 16.56
C ARG B 112 -8.78 19.00 15.71
N GLY B 113 -9.74 18.07 15.68
CA GLY B 113 -11.05 18.33 15.14
C GLY B 113 -11.23 18.05 13.65
N LEU B 114 -10.18 17.71 12.93
CA LEU B 114 -10.26 17.57 11.48
C LEU B 114 -9.48 16.34 11.05
N PRO B 115 -9.75 15.83 9.84
CA PRO B 115 -8.89 14.79 9.27
C PRO B 115 -7.50 15.34 9.00
N GLY B 116 -6.51 14.43 9.08
CA GLY B 116 -5.13 14.86 8.99
C GLY B 116 -4.78 15.60 7.72
N ASP B 117 -5.46 15.30 6.63
CA ASP B 117 -5.16 15.91 5.35
C ASP B 117 -5.74 17.32 5.19
N GLU B 118 -6.43 17.84 6.20
CA GLU B 118 -7.05 19.14 6.10
C GLU B 118 -6.40 20.20 6.98
N HIS B 119 -5.35 19.85 7.73
CA HIS B 119 -4.62 20.83 8.52
C HIS B 119 -3.45 21.40 7.73
N PRO C 1 -14.53 -4.95 12.28
CA PRO C 1 -13.90 -3.67 12.65
C PRO C 1 -13.57 -3.58 14.13
N GLN C 2 -12.28 -3.58 14.44
CA GLN C 2 -11.81 -3.54 15.83
C GLN C 2 -11.44 -2.11 16.21
N LEU C 3 -11.82 -1.71 17.41
CA LEU C 3 -11.45 -0.42 17.96
C LEU C 3 -10.71 -0.62 19.28
N LYS C 4 -9.77 0.28 19.55
CA LYS C 4 -9.03 0.29 20.80
C LYS C 4 -8.96 1.73 21.30
N ILE C 5 -9.41 1.94 22.54
CA ILE C 5 -9.56 3.27 23.13
C ILE C 5 -8.57 3.41 24.27
N TYR C 6 -7.76 4.46 24.23
CA TYR C 6 -6.75 4.72 25.24
C TYR C 6 -7.03 6.06 25.91
N GLY C 7 -6.92 6.09 27.23
CA GLY C 7 -7.08 7.31 27.99
C GLY C 7 -6.63 7.11 29.41
N LEU C 8 -6.48 8.23 30.11
CA LEU C 8 -6.16 8.17 31.54
C LEU C 8 -7.28 7.48 32.29
N ARG C 9 -6.93 6.49 33.11
CA ARG C 9 -7.94 5.71 33.82
C ARG C 9 -8.83 6.60 34.67
N GLU C 10 -8.27 7.65 35.25
CA GLU C 10 -9.05 8.51 36.14
C GLU C 10 -10.26 9.11 35.42
N PHE C 11 -10.11 9.46 34.14
CA PHE C 11 -11.16 10.12 33.41
C PHE C 11 -11.84 9.26 32.35
N LEU C 12 -11.20 8.16 31.94
CA LEU C 12 -11.81 7.25 30.97
C LEU C 12 -12.78 6.28 31.67
N ASP C 13 -12.43 5.84 32.87
CA ASP C 13 -13.28 4.86 33.56
C ASP C 13 -14.69 5.37 33.88
N PRO C 14 -14.90 6.61 34.33
CA PRO C 14 -16.28 7.03 34.64
C PRO C 14 -17.18 7.14 33.42
N ILE C 15 -16.65 7.15 32.20
CA ILE C 15 -17.46 7.47 31.03
C ILE C 15 -17.36 6.43 29.93
N LYS C 16 -16.71 5.30 30.19
CA LYS C 16 -16.41 4.40 29.08
C LYS C 16 -17.66 3.68 28.57
N GLN C 17 -18.68 3.48 29.41
CA GLN C 17 -19.89 2.83 28.94
C GLN C 17 -20.66 3.71 27.96
N GLU C 18 -20.87 4.98 28.32
CA GLU C 18 -21.51 5.91 27.40
C GLU C 18 -20.64 6.12 26.15
N LEU C 19 -19.35 6.36 26.37
CA LEU C 19 -18.41 6.52 25.25
C LEU C 19 -18.44 5.32 24.31
N SER C 20 -18.65 4.11 24.86
CA SER C 20 -18.70 2.91 24.02
C SER C 20 -19.91 2.94 23.11
N ASP C 21 -21.08 3.31 23.64
CA ASP C 21 -22.27 3.41 22.80
C ASP C 21 -22.15 4.57 21.82
N ILE C 22 -21.53 5.67 22.25
CA ILE C 22 -21.32 6.81 21.35
C ILE C 22 -20.43 6.40 20.19
N ILE C 23 -19.33 5.70 20.47
CA ILE C 23 -18.44 5.24 19.42
C ILE C 23 -19.15 4.25 18.50
N ASN C 24 -19.95 3.35 19.09
CA ASN C 24 -20.66 2.36 18.29
C ASN C 24 -21.63 3.02 17.33
N SER C 25 -22.26 4.12 17.75
CA SER C 25 -23.21 4.80 16.88
C SER C 25 -22.51 5.49 15.73
N CYS C 26 -21.25 5.89 15.90
CA CYS C 26 -20.51 6.49 14.79
C CYS C 26 -20.11 5.44 13.77
N MET C 27 -19.77 4.23 14.23
CA MET C 27 -19.51 3.12 13.32
C MET C 27 -20.75 2.81 12.50
N THR C 28 -21.90 2.73 13.16
CA THR C 28 -23.15 2.42 12.46
C THR C 28 -23.52 3.52 11.48
N ASP C 29 -23.27 4.78 11.83
CA ASP C 29 -23.71 5.91 11.02
C ASP C 29 -22.82 6.15 9.82
N ALA C 30 -21.52 6.23 10.05
CA ALA C 30 -20.61 6.55 8.96
C ALA C 30 -20.25 5.35 8.11
N LEU C 31 -20.36 4.14 8.66
CA LEU C 31 -19.88 2.95 7.98
C LEU C 31 -20.91 1.84 7.86
N GLN C 32 -22.15 2.07 8.30
CA GLN C 32 -23.28 1.17 8.06
C GLN C 32 -23.07 -0.21 8.70
N TYR C 33 -22.29 -0.28 9.77
CA TYR C 33 -22.19 -1.52 10.52
C TYR C 33 -23.37 -1.65 11.47
N PRO C 34 -23.92 -2.86 11.65
CA PRO C 34 -24.99 -3.04 12.63
C PRO C 34 -24.46 -2.83 14.02
N PRO C 35 -25.29 -2.30 14.93
CA PRO C 35 -24.83 -2.14 16.33
C PRO C 35 -24.44 -3.44 16.99
N GLU C 36 -24.91 -4.58 16.48
CA GLU C 36 -24.60 -5.87 17.10
C GLU C 36 -23.15 -6.28 16.95
N LYS C 37 -22.42 -5.68 15.99
CA LYS C 37 -21.04 -6.03 15.74
C LYS C 37 -20.05 -5.19 16.55
N ARG C 38 -20.49 -4.63 17.68
CA ARG C 38 -19.62 -3.80 18.50
C ARG C 38 -18.40 -4.58 18.95
N ASN C 39 -17.20 -4.08 18.62
CA ASN C 39 -15.95 -4.74 18.92
C ASN C 39 -14.97 -3.69 19.43
N GLN C 40 -14.85 -3.56 20.74
CA GLN C 40 -14.04 -2.51 21.35
C GLN C 40 -13.23 -3.07 22.52
N ARG C 41 -12.01 -2.57 22.68
CA ARG C 41 -11.17 -2.87 23.84
C ARG C 41 -10.68 -1.56 24.44
N PHE C 42 -10.93 -1.37 25.73
CA PHE C 42 -10.51 -0.16 26.42
C PHE C 42 -9.22 -0.41 27.17
N PHE C 43 -8.34 0.60 27.18
CA PHE C 43 -7.04 0.51 27.85
C PHE C 43 -6.86 1.72 28.75
N PRO C 44 -7.44 1.69 29.95
CA PRO C 44 -7.22 2.78 30.91
C PRO C 44 -5.76 2.81 31.35
N LEU C 45 -5.15 3.99 31.28
CA LEU C 45 -3.72 4.14 31.46
C LEU C 45 -3.39 4.93 32.71
N GLU C 46 -2.27 4.56 33.33
CA GLU C 46 -1.68 5.36 34.39
C GLU C 46 -1.10 6.64 33.82
N ARG C 47 -0.92 7.63 34.69
CA ARG C 47 -0.45 8.93 34.23
C ARG C 47 1.01 8.87 33.78
N SER C 48 1.81 8.06 34.46
CA SER C 48 3.21 7.93 34.08
C SER C 48 3.40 7.09 32.82
N ASP C 49 2.36 6.42 32.34
CA ASP C 49 2.43 5.61 31.14
C ASP C 49 1.89 6.32 29.91
N PHE C 50 1.44 7.56 30.05
CA PHE C 50 0.75 8.28 28.98
C PHE C 50 1.39 9.67 28.81
N PHE C 51 2.37 9.76 27.91
CA PHE C 51 2.97 11.04 27.55
C PHE C 51 2.27 11.57 26.31
N TYR C 52 1.44 12.58 26.49
CA TYR C 52 0.74 13.27 25.41
C TYR C 52 1.24 14.71 25.32
N PRO C 53 0.94 15.42 24.22
CA PRO C 53 1.47 16.78 24.04
C PRO C 53 1.02 17.70 25.17
N PRO C 54 1.90 18.60 25.62
CA PRO C 54 1.57 19.44 26.78
C PRO C 54 0.46 20.43 26.53
N ASP C 55 0.14 20.75 25.28
CA ASP C 55 -0.97 21.66 25.01
C ASP C 55 -2.33 21.00 25.12
N ARG C 56 -2.37 19.75 25.59
CA ARG C 56 -3.61 19.01 25.79
C ARG C 56 -3.84 18.75 27.28
N THR C 57 -5.06 18.38 27.61
CA THR C 57 -5.47 18.19 29.00
C THR C 57 -5.45 16.72 29.36
N GLU C 58 -5.82 16.43 30.62
CA GLU C 58 -5.85 15.07 31.16
C GLU C 58 -6.96 14.22 30.56
N ARG C 59 -7.89 14.81 29.82
CA ARG C 59 -8.94 14.08 29.14
C ARG C 59 -8.51 13.60 27.76
N TYR C 60 -7.22 13.68 27.44
CA TYR C 60 -6.72 13.24 26.15
C TYR C 60 -7.07 11.77 25.90
N THR C 61 -7.56 11.49 24.71
CA THR C 61 -8.06 10.17 24.37
C THR C 61 -7.62 9.81 22.95
N ILE C 62 -7.25 8.55 22.74
CA ILE C 62 -6.83 8.05 21.45
C ILE C 62 -7.74 6.90 21.05
N ILE C 63 -8.22 6.92 19.81
CA ILE C 63 -9.03 5.85 19.25
C ILE C 63 -8.28 5.26 18.07
N GLU C 64 -8.04 3.95 18.12
CA GLU C 64 -7.43 3.21 17.02
C GLU C 64 -8.48 2.30 16.41
N LEU C 65 -8.66 2.42 15.09
CA LEU C 65 -9.63 1.62 14.37
C LEU C 65 -8.92 0.78 13.32
N SER C 66 -9.19 -0.53 13.32
CA SER C 66 -8.66 -1.46 12.34
C SER C 66 -9.83 -2.10 11.60
N MET C 67 -9.82 -2.02 10.27
CA MET C 67 -10.93 -2.52 9.49
C MET C 67 -10.44 -2.98 8.12
N PHE C 68 -11.37 -3.54 7.35
CA PHE C 68 -11.08 -3.92 5.97
C PHE C 68 -10.75 -2.69 5.15
N GLU C 69 -9.82 -2.86 4.21
CA GLU C 69 -9.69 -1.85 3.17
C GLU C 69 -10.93 -1.87 2.27
N GLY C 70 -11.14 -0.77 1.56
CA GLY C 70 -12.21 -0.67 0.60
C GLY C 70 -13.26 0.39 0.88
N ARG C 71 -13.25 1.03 2.03
CA ARG C 71 -14.17 2.12 2.29
C ARG C 71 -13.60 3.42 1.72
N SER C 72 -14.49 4.31 1.31
CA SER C 72 -14.07 5.55 0.68
C SER C 72 -13.52 6.52 1.72
N VAL C 73 -12.67 7.44 1.24
CA VAL C 73 -12.14 8.50 2.09
C VAL C 73 -13.27 9.35 2.65
N ALA C 74 -14.34 9.54 1.86
CA ALA C 74 -15.48 10.32 2.34
C ALA C 74 -16.16 9.65 3.52
N ALA C 75 -16.30 8.33 3.49
CA ALA C 75 -16.94 7.63 4.60
C ALA C 75 -16.03 7.64 5.83
N LYS C 76 -14.73 7.51 5.65
CA LYS C 76 -13.80 7.58 6.77
C LYS C 76 -13.78 8.97 7.39
N LYS C 77 -13.89 10.02 6.56
CA LYS C 77 -13.91 11.38 7.08
C LYS C 77 -15.21 11.68 7.80
N GLN C 78 -16.33 11.15 7.31
CA GLN C 78 -17.59 11.31 8.03
C GLN C 78 -17.51 10.68 9.41
N LEU C 79 -16.81 9.55 9.53
CA LEU C 79 -16.63 8.93 10.83
C LEU C 79 -15.81 9.81 11.76
N ILE C 80 -14.72 10.40 11.24
CA ILE C 80 -13.86 11.22 12.09
C ILE C 80 -14.62 12.43 12.61
N ARG C 81 -15.45 13.05 11.76
CA ARG C 81 -16.21 14.22 12.19
C ARG C 81 -17.30 13.83 13.18
N LEU C 82 -17.93 12.67 12.99
CA LEU C 82 -18.97 12.23 13.92
C LEU C 82 -18.37 11.91 15.28
N LEU C 83 -17.19 11.31 15.32
CA LEU C 83 -16.54 11.03 16.60
C LEU C 83 -16.20 12.32 17.33
N PHE C 84 -15.66 13.32 16.62
CA PHE C 84 -15.37 14.61 17.24
C PHE C 84 -16.64 15.26 17.77
N GLU C 85 -17.71 15.22 16.98
CA GLU C 85 -18.94 15.90 17.38
C GLU C 85 -19.56 15.24 18.60
N ARG C 86 -19.55 13.91 18.65
CA ARG C 86 -20.40 13.20 19.59
C ARG C 86 -19.74 12.90 20.94
N VAL C 87 -18.40 12.80 20.98
CA VAL C 87 -17.73 12.65 22.28
C VAL C 87 -17.62 13.96 23.03
N GLN C 88 -17.89 15.08 22.35
CA GLN C 88 -17.82 16.38 22.99
C GLN C 88 -18.75 16.51 24.21
N PRO C 89 -19.97 16.00 24.21
CA PRO C 89 -20.78 16.03 25.44
C PRO C 89 -20.14 15.31 26.63
N LEU C 90 -19.22 14.38 26.40
CA LEU C 90 -18.60 13.64 27.47
C LEU C 90 -17.36 14.31 28.06
N GLY C 91 -17.04 15.52 27.60
CA GLY C 91 -15.88 16.23 28.08
C GLY C 91 -14.62 16.06 27.25
N ILE C 92 -14.72 15.47 26.07
CA ILE C 92 -13.57 15.29 25.17
C ILE C 92 -13.73 16.32 24.06
N SER C 93 -13.01 17.44 24.18
CA SER C 93 -13.01 18.43 23.11
C SER C 93 -12.08 17.98 21.98
N ALA C 94 -12.10 18.74 20.89
CA ALA C 94 -11.38 18.33 19.68
C ALA C 94 -9.88 18.25 19.91
N GLN C 95 -9.33 19.06 20.82
CA GLN C 95 -7.91 18.96 21.12
C GLN C 95 -7.56 17.66 21.81
N ASP C 96 -8.53 17.05 22.51
CA ASP C 96 -8.28 15.89 23.36
C ASP C 96 -8.70 14.58 22.70
N LEU C 97 -8.90 14.56 21.39
CA LEU C 97 -9.24 13.34 20.67
C LEU C 97 -8.33 13.17 19.47
N GLU C 98 -7.73 11.99 19.34
CA GLU C 98 -6.92 11.65 18.18
C GLU C 98 -7.36 10.28 17.67
N ILE C 99 -7.59 10.19 16.36
CA ILE C 99 -8.10 8.98 15.72
C ILE C 99 -7.08 8.50 14.69
N THR C 100 -6.86 7.20 14.64
CA THR C 100 -6.04 6.57 13.60
C THR C 100 -6.78 5.36 13.06
N ILE C 101 -6.86 5.27 11.73
CA ILE C 101 -7.55 4.17 11.05
C ILE C 101 -6.51 3.36 10.29
N PHE C 102 -6.47 2.05 10.56
CA PHE C 102 -5.59 1.13 9.85
C PHE C 102 -6.44 0.19 9.00
N GLU C 103 -6.00 -0.04 7.77
CA GLU C 103 -6.73 -0.86 6.83
C GLU C 103 -5.84 -1.98 6.29
N THR C 104 -6.43 -3.16 6.13
CA THR C 104 -5.73 -4.34 5.65
C THR C 104 -6.66 -5.11 4.73
N PRO C 105 -6.12 -5.91 3.81
CA PRO C 105 -6.97 -6.72 2.94
C PRO C 105 -7.82 -7.70 3.73
N LYS C 106 -8.92 -8.12 3.12
CA LYS C 106 -9.83 -9.06 3.78
C LYS C 106 -9.14 -10.41 4.00
N HIS C 107 -8.36 -10.87 3.04
CA HIS C 107 -7.68 -12.16 3.20
C HIS C 107 -6.58 -12.10 4.25
N ASN C 108 -6.35 -10.95 4.88
CA ASN C 108 -5.46 -10.85 6.02
C ASN C 108 -6.19 -11.05 7.35
N TRP C 109 -7.52 -11.17 7.33
CA TRP C 109 -8.31 -11.33 8.54
C TRP C 109 -8.74 -12.79 8.71
N GLY C 110 -8.87 -13.19 9.96
CA GLY C 110 -9.47 -14.46 10.29
C GLY C 110 -10.60 -14.26 11.28
N PHE C 111 -11.82 -14.67 10.90
CA PHE C 111 -12.97 -14.51 11.78
C PHE C 111 -14.04 -15.50 11.37
N ARG C 112 -14.67 -16.12 12.37
CA ARG C 112 -15.73 -17.11 12.16
C ARG C 112 -15.27 -18.23 11.24
N GLY C 113 -14.05 -18.71 11.49
CA GLY C 113 -13.54 -19.92 10.90
C GLY C 113 -12.81 -19.77 9.58
N LEU C 114 -12.91 -18.62 8.91
CA LEU C 114 -12.43 -18.52 7.55
C LEU C 114 -11.65 -17.24 7.33
N PRO C 115 -10.66 -17.26 6.44
CA PRO C 115 -10.08 -16.01 5.94
C PRO C 115 -11.17 -15.07 5.45
N GLY C 116 -10.94 -13.76 5.66
CA GLY C 116 -12.00 -12.78 5.51
C GLY C 116 -12.60 -12.71 4.11
N ASP C 117 -11.80 -12.95 3.08
CA ASP C 117 -12.34 -12.89 1.72
C ASP C 117 -13.32 -14.02 1.43
N GLU C 118 -13.52 -14.94 2.36
CA GLU C 118 -14.50 -16.02 2.19
C GLU C 118 -15.59 -15.92 3.27
N PRO D 1 -2.97 -11.66 -15.45
CA PRO D 1 -1.70 -10.95 -15.57
C PRO D 1 -1.46 -10.41 -16.98
N GLN D 2 -1.18 -9.11 -17.08
CA GLN D 2 -0.91 -8.46 -18.35
C GLN D 2 0.54 -8.00 -18.41
N LEU D 3 1.18 -8.25 -19.54
CA LEU D 3 2.57 -7.86 -19.76
C LEU D 3 2.66 -6.84 -20.88
N LYS D 4 3.59 -5.90 -20.73
CA LYS D 4 3.93 -4.97 -21.78
C LYS D 4 5.44 -5.04 -22.00
N ILE D 5 5.84 -5.15 -23.27
CA ILE D 5 7.23 -5.33 -23.64
C ILE D 5 7.64 -4.19 -24.57
N TYR D 6 8.75 -3.54 -24.25
CA TYR D 6 9.23 -2.39 -25.00
C TYR D 6 10.65 -2.64 -25.46
N GLY D 7 10.95 -2.23 -26.70
CA GLY D 7 12.29 -2.35 -27.25
C GLY D 7 12.37 -1.67 -28.58
N LEU D 8 13.61 -1.43 -29.02
CA LEU D 8 13.85 -0.87 -30.34
C LEU D 8 13.26 -1.79 -31.40
N ARG D 9 12.58 -1.19 -32.38
CA ARG D 9 11.84 -1.99 -33.36
C ARG D 9 12.77 -2.88 -34.17
N GLU D 10 13.94 -2.37 -34.56
CA GLU D 10 14.84 -3.13 -35.42
C GLU D 10 15.26 -4.45 -34.77
N PHE D 11 15.32 -4.49 -33.44
CA PHE D 11 15.77 -5.69 -32.74
C PHE D 11 14.65 -6.46 -32.07
N LEU D 12 13.52 -5.84 -31.78
CA LEU D 12 12.42 -6.54 -31.11
C LEU D 12 11.59 -7.34 -32.09
N ASP D 13 11.35 -6.81 -33.29
CA ASP D 13 10.52 -7.50 -34.27
C ASP D 13 11.03 -8.89 -34.64
N PRO D 14 12.31 -9.11 -34.95
CA PRO D 14 12.74 -10.46 -35.35
C PRO D 14 12.56 -11.51 -34.26
N ILE D 15 12.56 -11.11 -32.99
CA ILE D 15 12.50 -12.05 -31.88
C ILE D 15 11.16 -12.00 -31.16
N LYS D 16 10.18 -11.29 -31.72
CA LYS D 16 8.93 -11.01 -31.01
C LYS D 16 8.17 -12.30 -30.69
N GLN D 17 8.03 -13.18 -31.68
CA GLN D 17 7.20 -14.37 -31.50
C GLN D 17 7.85 -15.35 -30.52
N GLU D 18 9.18 -15.51 -30.59
CA GLU D 18 9.86 -16.41 -29.67
C GLU D 18 9.89 -15.83 -28.26
N LEU D 19 10.18 -14.53 -28.14
CA LEU D 19 10.13 -13.86 -26.84
C LEU D 19 8.76 -14.04 -26.19
N SER D 20 7.69 -13.88 -26.98
CA SER D 20 6.34 -14.05 -26.47
C SER D 20 6.15 -15.43 -25.83
N ASP D 21 6.59 -16.47 -26.52
CA ASP D 21 6.47 -17.82 -25.98
C ASP D 21 7.33 -18.01 -24.74
N ILE D 22 8.55 -17.47 -24.76
CA ILE D 22 9.46 -17.61 -23.63
C ILE D 22 8.87 -16.94 -22.39
N ILE D 23 8.34 -15.72 -22.55
CA ILE D 23 7.77 -15.00 -21.41
C ILE D 23 6.55 -15.73 -20.87
N ASN D 24 5.73 -16.30 -21.75
CA ASN D 24 4.59 -17.08 -21.31
C ASN D 24 5.03 -18.30 -20.51
N SER D 25 6.15 -18.91 -20.90
CA SER D 25 6.64 -20.07 -20.18
C SER D 25 7.03 -19.72 -18.75
N CYS D 26 7.57 -18.50 -18.55
CA CYS D 26 7.95 -18.09 -17.20
C CYS D 26 6.74 -17.86 -16.32
N MET D 27 5.67 -17.28 -16.89
CA MET D 27 4.45 -17.08 -16.13
C MET D 27 3.89 -18.41 -15.63
N THR D 28 3.85 -19.41 -16.50
CA THR D 28 3.36 -20.72 -16.10
C THR D 28 4.29 -21.36 -15.07
N ASP D 29 5.60 -21.31 -15.31
CA ASP D 29 6.53 -22.09 -14.50
C ASP D 29 6.76 -21.46 -13.13
N ALA D 30 6.69 -20.13 -13.05
CA ALA D 30 6.97 -19.44 -11.80
C ALA D 30 5.71 -18.98 -11.07
N LEU D 31 4.57 -18.89 -11.75
CA LEU D 31 3.35 -18.40 -11.13
C LEU D 31 2.13 -19.27 -11.38
N GLN D 32 2.26 -20.36 -12.15
CA GLN D 32 1.21 -21.37 -12.34
C GLN D 32 0.01 -20.82 -13.10
N TYR D 33 0.20 -19.83 -13.95
CA TYR D 33 -0.90 -19.51 -14.84
C TYR D 33 -0.89 -20.45 -16.04
N PRO D 34 -2.05 -20.95 -16.47
CA PRO D 34 -2.05 -21.85 -17.62
C PRO D 34 -1.58 -21.14 -18.87
N PRO D 35 -1.02 -21.88 -19.83
CA PRO D 35 -0.45 -21.23 -21.02
C PRO D 35 -1.45 -20.42 -21.82
N GLU D 36 -2.72 -20.82 -21.86
CA GLU D 36 -3.70 -20.14 -22.68
C GLU D 36 -4.14 -18.79 -22.11
N LYS D 37 -3.60 -18.37 -20.98
CA LYS D 37 -3.91 -17.08 -20.38
C LYS D 37 -2.96 -15.98 -20.85
N ARG D 38 -2.24 -16.21 -21.94
CA ARG D 38 -1.23 -15.28 -22.42
C ARG D 38 -1.86 -13.95 -22.81
N ASN D 39 -1.40 -12.86 -22.20
CA ASN D 39 -1.86 -11.51 -22.53
C ASN D 39 -0.63 -10.60 -22.56
N GLN D 40 -0.16 -10.28 -23.77
CA GLN D 40 1.03 -9.46 -23.94
C GLN D 40 0.77 -8.41 -25.02
N ARG D 41 1.34 -7.22 -24.81
CA ARG D 41 1.30 -6.13 -25.77
C ARG D 41 2.73 -5.70 -26.06
N PHE D 42 3.10 -5.67 -27.34
CA PHE D 42 4.45 -5.32 -27.75
C PHE D 42 4.48 -3.91 -28.30
N PHE D 43 5.49 -3.14 -27.89
CA PHE D 43 5.65 -1.76 -28.32
C PHE D 43 7.04 -1.59 -28.93
N PRO D 44 7.19 -1.86 -30.22
CA PRO D 44 8.46 -1.57 -30.90
C PRO D 44 8.64 -0.06 -31.03
N LEU D 45 9.81 0.42 -30.68
CA LEU D 45 10.09 1.85 -30.62
C LEU D 45 11.11 2.23 -31.69
N GLU D 46 11.04 3.49 -32.11
CA GLU D 46 12.05 4.08 -32.98
C GLU D 46 13.16 4.67 -32.13
N ARG D 47 14.35 4.76 -32.72
CA ARG D 47 15.53 5.17 -31.97
C ARG D 47 15.35 6.56 -31.35
N SER D 48 14.62 7.44 -32.04
CA SER D 48 14.42 8.79 -31.53
C SER D 48 13.44 8.85 -30.37
N ASP D 49 12.72 7.76 -30.09
CA ASP D 49 11.79 7.71 -28.97
C ASP D 49 12.31 6.93 -27.78
N PHE D 50 13.45 6.26 -27.91
CA PHE D 50 13.96 5.35 -26.89
C PHE D 50 15.26 5.91 -26.33
N PHE D 51 15.19 6.59 -25.19
CA PHE D 51 16.37 7.15 -24.53
C PHE D 51 16.80 6.19 -23.42
N TYR D 52 17.52 5.14 -23.82
CA TYR D 52 18.03 4.17 -22.88
C TYR D 52 19.41 4.58 -22.38
N PRO D 53 19.83 4.08 -21.22
CA PRO D 53 21.12 4.51 -20.64
C PRO D 53 22.28 4.12 -21.53
N PRO D 54 23.26 5.00 -21.70
CA PRO D 54 24.48 4.65 -22.46
C PRO D 54 25.23 3.47 -21.87
N ASP D 55 24.96 3.10 -20.61
CA ASP D 55 25.50 1.87 -20.06
C ASP D 55 24.92 0.63 -20.74
N ARG D 56 23.88 0.79 -21.54
CA ARG D 56 23.20 -0.31 -22.22
C ARG D 56 23.32 -0.15 -23.74
N THR D 57 22.69 -1.07 -24.47
CA THR D 57 22.82 -1.14 -25.92
C THR D 57 21.43 -1.12 -26.56
N GLU D 58 21.41 -1.16 -27.88
CA GLU D 58 20.16 -1.11 -28.63
C GLU D 58 19.33 -2.38 -28.46
N ARG D 59 19.86 -3.41 -27.82
CA ARG D 59 19.08 -4.60 -27.47
C ARG D 59 18.35 -4.42 -26.15
N TYR D 60 18.41 -3.24 -25.54
CA TYR D 60 17.71 -2.97 -24.29
C TYR D 60 16.23 -3.25 -24.44
N THR D 61 15.69 -4.06 -23.53
CA THR D 61 14.29 -4.45 -23.56
C THR D 61 13.69 -4.30 -22.17
N ILE D 62 12.49 -3.73 -22.11
CA ILE D 62 11.78 -3.48 -20.86
C ILE D 62 10.53 -4.35 -20.83
N ILE D 63 10.28 -4.96 -19.68
CA ILE D 63 9.07 -5.75 -19.44
C ILE D 63 8.34 -5.16 -18.26
N GLU D 64 7.06 -4.83 -18.46
CA GLU D 64 6.19 -4.36 -17.38
C GLU D 64 5.10 -5.40 -17.15
N LEU D 65 5.00 -5.87 -15.90
CA LEU D 65 4.03 -6.90 -15.53
C LEU D 65 3.03 -6.33 -14.56
N SER D 66 1.74 -6.51 -14.86
CA SER D 66 0.65 -6.10 -13.99
C SER D 66 -0.17 -7.35 -13.63
N MET D 67 -0.29 -7.62 -12.33
CA MET D 67 -0.94 -8.84 -11.87
C MET D 67 -1.57 -8.60 -10.51
N PHE D 68 -2.35 -9.58 -10.06
CA PHE D 68 -2.95 -9.51 -8.74
C PHE D 68 -1.87 -9.46 -7.66
N GLU D 69 -2.15 -8.73 -6.59
CA GLU D 69 -1.35 -8.89 -5.39
C GLU D 69 -1.68 -10.23 -4.74
N GLY D 70 -0.83 -10.65 -3.83
CA GLY D 70 -1.02 -11.90 -3.11
C GLY D 70 0.02 -12.96 -3.38
N ARG D 71 0.87 -12.79 -4.39
CA ARG D 71 1.97 -13.72 -4.62
C ARG D 71 3.12 -13.38 -3.69
N SER D 72 3.90 -14.40 -3.33
CA SER D 72 5.02 -14.20 -2.43
C SER D 72 6.19 -13.53 -3.15
N VAL D 73 7.08 -12.94 -2.34
CA VAL D 73 8.32 -12.41 -2.90
C VAL D 73 9.15 -13.51 -3.53
N ALA D 74 9.14 -14.70 -2.91
CA ALA D 74 9.87 -15.84 -3.47
C ALA D 74 9.38 -16.19 -4.86
N ALA D 75 8.06 -16.17 -5.07
CA ALA D 75 7.52 -16.48 -6.40
C ALA D 75 7.82 -15.37 -7.39
N LYS D 76 7.72 -14.12 -6.95
CA LYS D 76 8.03 -13.01 -7.85
C LYS D 76 9.52 -12.98 -8.19
N LYS D 77 10.38 -13.35 -7.24
CA LYS D 77 11.81 -13.41 -7.51
C LYS D 77 12.15 -14.54 -8.45
N GLN D 78 11.43 -15.67 -8.37
CA GLN D 78 11.68 -16.77 -9.30
C GLN D 78 11.30 -16.39 -10.71
N LEU D 79 10.18 -15.68 -10.89
CA LEU D 79 9.79 -15.22 -12.22
C LEU D 79 10.86 -14.30 -12.81
N ILE D 80 11.40 -13.38 -12.01
CA ILE D 80 12.45 -12.48 -12.49
C ILE D 80 13.68 -13.27 -12.92
N ARG D 81 14.07 -14.27 -12.12
CA ARG D 81 15.23 -15.07 -12.47
C ARG D 81 14.99 -15.91 -13.71
N LEU D 82 13.76 -16.41 -13.88
CA LEU D 82 13.45 -17.21 -15.06
C LEU D 82 13.46 -16.36 -16.32
N LEU D 83 12.97 -15.12 -16.23
CA LEU D 83 12.98 -14.25 -17.41
C LEU D 83 14.41 -13.92 -17.83
N PHE D 84 15.27 -13.59 -16.87
CA PHE D 84 16.64 -13.20 -17.20
C PHE D 84 17.38 -14.32 -17.93
N GLU D 85 17.28 -15.54 -17.40
CA GLU D 85 18.05 -16.64 -17.98
C GLU D 85 17.47 -17.12 -19.30
N ARG D 86 16.14 -17.08 -19.43
CA ARG D 86 15.50 -17.67 -20.61
C ARG D 86 15.48 -16.74 -21.82
N VAL D 87 15.80 -15.46 -21.66
CA VAL D 87 15.93 -14.58 -22.82
C VAL D 87 17.35 -14.55 -23.37
N GLN D 88 18.30 -15.19 -22.70
CA GLN D 88 19.69 -15.21 -23.15
C GLN D 88 19.89 -15.72 -24.57
N PRO D 89 19.26 -16.82 -25.00
CA PRO D 89 19.47 -17.27 -26.39
C PRO D 89 18.97 -16.28 -27.43
N LEU D 90 18.10 -15.36 -27.05
CA LEU D 90 17.57 -14.37 -27.97
C LEU D 90 18.48 -13.16 -28.12
N GLY D 91 19.71 -13.22 -27.62
CA GLY D 91 20.60 -12.08 -27.66
C GLY D 91 20.24 -10.96 -26.70
N ILE D 92 19.37 -11.21 -25.74
CA ILE D 92 19.03 -10.24 -24.70
C ILE D 92 19.81 -10.59 -23.45
N SER D 93 20.65 -9.66 -23.00
CA SER D 93 21.61 -9.90 -21.94
C SER D 93 21.03 -9.48 -20.59
N ALA D 94 21.68 -9.95 -19.52
CA ALA D 94 21.20 -9.70 -18.15
C ALA D 94 20.99 -8.22 -17.84
N GLN D 95 21.64 -7.34 -18.59
CA GLN D 95 21.60 -5.90 -18.37
C GLN D 95 20.85 -5.16 -19.46
N ASP D 96 20.51 -5.83 -20.56
CA ASP D 96 19.62 -5.29 -21.57
C ASP D 96 18.18 -5.70 -21.32
N LEU D 97 17.88 -6.21 -20.12
CA LEU D 97 16.54 -6.55 -19.69
C LEU D 97 16.24 -5.87 -18.38
N GLU D 98 15.10 -5.20 -18.31
CA GLU D 98 14.61 -4.59 -17.08
C GLU D 98 13.14 -4.96 -16.89
N ILE D 99 12.79 -5.35 -15.67
CA ILE D 99 11.45 -5.84 -15.35
C ILE D 99 10.89 -5.02 -14.20
N THR D 100 9.58 -4.74 -14.25
CA THR D 100 8.87 -4.13 -13.14
C THR D 100 7.54 -4.83 -12.96
N ILE D 101 7.24 -5.23 -11.73
CA ILE D 101 6.00 -5.90 -11.39
C ILE D 101 5.11 -4.93 -10.62
N PHE D 102 3.92 -4.67 -11.14
CA PHE D 102 2.92 -3.87 -10.45
C PHE D 102 1.81 -4.78 -9.94
N GLU D 103 1.43 -4.61 -8.68
CA GLU D 103 0.40 -5.40 -8.05
C GLU D 103 -0.75 -4.51 -7.60
N THR D 104 -1.98 -4.99 -7.81
CA THR D 104 -3.19 -4.29 -7.43
C THR D 104 -4.18 -5.30 -6.88
N PRO D 105 -5.11 -4.87 -6.03
CA PRO D 105 -6.12 -5.81 -5.49
C PRO D 105 -6.99 -6.40 -6.59
N LYS D 106 -7.55 -7.57 -6.29
CA LYS D 106 -8.40 -8.26 -7.25
C LYS D 106 -9.62 -7.43 -7.61
N HIS D 107 -10.22 -6.75 -6.62
CA HIS D 107 -11.41 -5.94 -6.89
C HIS D 107 -11.10 -4.71 -7.73
N ASN D 108 -9.83 -4.43 -8.02
CA ASN D 108 -9.47 -3.37 -8.94
C ASN D 108 -9.40 -3.84 -10.39
N TRP D 109 -9.73 -5.11 -10.64
CA TRP D 109 -9.72 -5.67 -11.98
C TRP D 109 -11.15 -5.94 -12.45
N GLY D 110 -11.32 -5.91 -13.77
CA GLY D 110 -12.53 -6.40 -14.39
C GLY D 110 -12.18 -7.31 -15.55
N PHE D 111 -12.69 -8.53 -15.56
CA PHE D 111 -12.47 -9.44 -16.68
C PHE D 111 -13.62 -10.44 -16.73
N ARG D 112 -14.11 -10.70 -17.94
CA ARG D 112 -15.23 -11.61 -18.18
C ARG D 112 -16.47 -11.17 -17.39
N GLY D 113 -16.72 -9.86 -17.38
CA GLY D 113 -17.97 -9.31 -16.91
C GLY D 113 -18.04 -8.96 -15.43
N LEU D 114 -17.07 -9.37 -14.64
CA LEU D 114 -17.14 -9.22 -13.19
C LEU D 114 -15.87 -8.60 -12.63
N PRO D 115 -15.95 -7.98 -11.46
CA PRO D 115 -14.73 -7.62 -10.75
C PRO D 115 -13.95 -8.88 -10.38
N GLY D 116 -12.63 -8.72 -10.22
CA GLY D 116 -11.76 -9.88 -10.05
C GLY D 116 -12.10 -10.73 -8.83
N ASP D 117 -12.54 -10.10 -7.75
CA ASP D 117 -12.83 -10.79 -6.50
C ASP D 117 -14.16 -11.55 -6.54
N GLU D 118 -14.92 -11.43 -7.62
CA GLU D 118 -16.24 -12.07 -7.69
C GLU D 118 -16.22 -13.24 -8.68
N PRO E 1 -7.96 11.76 -13.50
CA PRO E 1 -7.89 10.31 -13.71
C PRO E 1 -7.56 9.94 -15.16
N GLN E 2 -6.47 9.20 -15.36
CA GLN E 2 -5.94 8.94 -16.68
C GLN E 2 -6.37 7.55 -17.16
N LEU E 3 -6.84 7.49 -18.40
CA LEU E 3 -7.29 6.24 -19.01
C LEU E 3 -6.44 5.92 -20.23
N LYS E 4 -6.05 4.65 -20.34
CA LYS E 4 -5.31 4.14 -21.48
C LYS E 4 -6.10 2.99 -22.08
N ILE E 5 -6.33 3.04 -23.39
CA ILE E 5 -7.16 2.06 -24.08
C ILE E 5 -6.33 1.41 -25.17
N TYR E 6 -6.32 0.08 -25.20
CA TYR E 6 -5.54 -0.68 -26.16
C TYR E 6 -6.46 -1.60 -26.95
N GLY E 7 -6.11 -1.84 -28.21
CA GLY E 7 -6.88 -2.71 -29.07
C GLY E 7 -6.37 -2.73 -30.50
N LEU E 8 -6.73 -3.77 -31.25
CA LEU E 8 -6.32 -3.85 -32.65
C LEU E 8 -6.84 -2.64 -33.42
N ARG E 9 -6.02 -2.12 -34.33
CA ARG E 9 -6.38 -0.90 -35.05
C ARG E 9 -7.61 -1.09 -35.92
N GLU E 10 -7.69 -2.24 -36.62
CA GLU E 10 -8.83 -2.50 -37.50
C GLU E 10 -10.16 -2.38 -36.77
N PHE E 11 -10.17 -2.61 -35.46
CA PHE E 11 -11.40 -2.59 -34.68
C PHE E 11 -11.47 -1.42 -33.70
N LEU E 12 -10.34 -0.82 -33.32
CA LEU E 12 -10.38 0.31 -32.39
C LEU E 12 -10.66 1.63 -33.12
N ASP E 13 -10.04 1.83 -34.27
CA ASP E 13 -10.20 3.09 -35.00
C ASP E 13 -11.64 3.41 -35.36
N PRO E 14 -12.45 2.48 -35.90
CA PRO E 14 -13.82 2.86 -36.31
C PRO E 14 -14.73 3.21 -35.14
N ILE E 15 -14.38 2.87 -33.90
CA ILE E 15 -15.29 3.04 -32.78
C ILE E 15 -14.73 3.91 -31.67
N LYS E 16 -13.48 4.38 -31.78
CA LYS E 16 -12.84 4.97 -30.60
C LYS E 16 -13.44 6.33 -30.23
N GLN E 17 -14.03 7.05 -31.18
CA GLN E 17 -14.70 8.30 -30.83
C GLN E 17 -15.96 8.04 -30.03
N GLU E 18 -16.77 7.08 -30.46
CA GLU E 18 -17.93 6.68 -29.66
C GLU E 18 -17.51 5.99 -28.38
N LEU E 19 -16.45 5.16 -28.44
CA LEU E 19 -15.91 4.53 -27.24
C LEU E 19 -15.41 5.56 -26.25
N SER E 20 -14.90 6.70 -26.73
CA SER E 20 -14.40 7.74 -25.84
C SER E 20 -15.54 8.31 -24.98
N ASP E 21 -16.67 8.62 -25.60
CA ASP E 21 -17.78 9.21 -24.85
C ASP E 21 -18.46 8.19 -23.95
N ILE E 22 -18.44 6.91 -24.31
CA ILE E 22 -19.02 5.88 -23.46
C ILE E 22 -18.16 5.69 -22.21
N ILE E 23 -16.85 5.55 -22.40
CA ILE E 23 -15.94 5.42 -21.25
C ILE E 23 -16.05 6.64 -20.36
N ASN E 24 -16.05 7.83 -20.96
CA ASN E 24 -16.17 9.06 -20.18
C ASN E 24 -17.49 9.11 -19.41
N SER E 25 -18.56 8.60 -20.01
CA SER E 25 -19.85 8.60 -19.32
C SER E 25 -19.85 7.64 -18.13
N CYS E 26 -19.08 6.56 -18.21
CA CYS E 26 -18.95 5.68 -17.05
C CYS E 26 -18.21 6.37 -15.91
N MET E 27 -17.16 7.12 -16.24
CA MET E 27 -16.41 7.84 -15.22
C MET E 27 -17.29 8.86 -14.52
N THR E 28 -18.13 9.56 -15.29
CA THR E 28 -19.01 10.57 -14.69
C THR E 28 -20.12 9.93 -13.87
N ASP E 29 -20.69 8.82 -14.36
CA ASP E 29 -21.82 8.22 -13.68
C ASP E 29 -21.38 7.44 -12.44
N ALA E 30 -20.22 6.79 -12.49
CA ALA E 30 -19.80 5.93 -11.39
C ALA E 30 -18.90 6.64 -10.39
N LEU E 31 -18.10 7.61 -10.83
CA LEU E 31 -17.16 8.28 -9.94
C LEU E 31 -17.43 9.77 -9.80
N GLN E 32 -18.50 10.29 -10.40
CA GLN E 32 -18.91 11.69 -10.27
C GLN E 32 -17.84 12.64 -10.80
N TYR E 33 -17.08 12.21 -11.79
CA TYR E 33 -16.14 13.13 -12.42
C TYR E 33 -16.88 13.98 -13.45
N PRO E 34 -16.61 15.28 -13.51
CA PRO E 34 -17.24 16.12 -14.53
C PRO E 34 -16.88 15.66 -15.93
N PRO E 35 -17.82 15.73 -16.87
CA PRO E 35 -17.55 15.19 -18.21
C PRO E 35 -16.42 15.90 -18.93
N GLU E 36 -16.21 17.19 -18.67
CA GLU E 36 -15.13 17.93 -19.31
C GLU E 36 -13.76 17.55 -18.77
N LYS E 37 -13.69 16.75 -17.72
CA LYS E 37 -12.41 16.23 -17.23
C LYS E 37 -12.03 14.91 -17.88
N ARG E 38 -12.20 14.82 -19.19
CA ARG E 38 -11.83 13.62 -19.94
C ARG E 38 -10.33 13.56 -20.10
N ASN E 39 -9.75 12.38 -19.84
CA ASN E 39 -8.31 12.18 -19.98
C ASN E 39 -8.09 10.75 -20.46
N GLN E 40 -7.92 10.58 -21.76
CA GLN E 40 -7.85 9.26 -22.37
C GLN E 40 -6.72 9.21 -23.39
N ARG E 41 -5.98 8.10 -23.38
CA ARG E 41 -4.97 7.82 -24.40
C ARG E 41 -5.30 6.51 -25.06
N PHE E 42 -5.42 6.53 -26.39
CA PHE E 42 -5.73 5.35 -27.18
C PHE E 42 -4.48 4.85 -27.88
N PHE E 43 -4.27 3.54 -27.85
CA PHE E 43 -3.13 2.90 -28.49
C PHE E 43 -3.63 1.82 -29.44
N PRO E 44 -3.91 2.18 -30.69
CA PRO E 44 -4.24 1.14 -31.68
C PRO E 44 -3.03 0.28 -31.99
N LEU E 45 -3.25 -1.03 -32.01
CA LEU E 45 -2.17 -1.99 -32.10
C LEU E 45 -2.22 -2.76 -33.42
N GLU E 46 -1.09 -3.31 -33.79
CA GLU E 46 -0.99 -4.17 -34.96
C GLU E 46 -1.11 -5.62 -34.56
N ARG E 47 -1.56 -6.45 -35.51
CA ARG E 47 -1.85 -7.85 -35.20
C ARG E 47 -0.62 -8.57 -34.64
N SER E 48 0.56 -8.24 -35.15
CA SER E 48 1.78 -8.87 -34.67
C SER E 48 2.20 -8.37 -33.29
N ASP E 49 1.56 -7.32 -32.77
CA ASP E 49 1.94 -6.73 -31.50
C ASP E 49 0.98 -7.08 -30.36
N PHE E 50 -0.15 -7.70 -30.66
CA PHE E 50 -1.21 -7.93 -29.67
C PHE E 50 -1.41 -9.42 -29.47
N PHE E 51 -0.81 -9.97 -28.42
CA PHE E 51 -0.97 -11.38 -28.06
C PHE E 51 -2.01 -11.48 -26.94
N TYR E 52 -3.26 -11.66 -27.33
CA TYR E 52 -4.35 -11.82 -26.37
C TYR E 52 -4.70 -13.30 -26.22
N PRO E 53 -5.41 -13.68 -25.15
CA PRO E 53 -5.72 -15.10 -24.93
C PRO E 53 -6.43 -15.71 -26.11
N PRO E 54 -6.04 -16.92 -26.51
CA PRO E 54 -6.61 -17.52 -27.74
C PRO E 54 -8.10 -17.80 -27.65
N ASP E 55 -8.69 -17.84 -26.44
CA ASP E 55 -10.14 -18.01 -26.33
C ASP E 55 -10.90 -16.69 -26.47
N ARG E 56 -10.22 -15.63 -26.87
CA ARG E 56 -10.82 -14.32 -27.13
C ARG E 56 -10.88 -14.08 -28.64
N THR E 57 -11.37 -12.91 -29.02
CA THR E 57 -11.49 -12.52 -30.41
C THR E 57 -10.66 -11.26 -30.67
N GLU E 58 -10.71 -10.80 -31.92
CA GLU E 58 -9.90 -9.67 -32.36
C GLU E 58 -10.41 -8.34 -31.81
N ARG E 59 -11.63 -8.30 -31.28
CA ARG E 59 -12.16 -7.08 -30.67
C ARG E 59 -11.73 -6.93 -29.22
N TYR E 60 -10.84 -7.80 -28.74
CA TYR E 60 -10.32 -7.72 -27.38
C TYR E 60 -9.77 -6.34 -27.11
N THR E 61 -10.25 -5.72 -26.03
CA THR E 61 -9.89 -4.35 -25.67
C THR E 61 -9.48 -4.31 -24.21
N ILE E 62 -8.41 -3.58 -23.93
CA ILE E 62 -7.89 -3.41 -22.58
C ILE E 62 -7.99 -1.94 -22.19
N ILE E 63 -8.49 -1.69 -20.99
CA ILE E 63 -8.65 -0.35 -20.45
C ILE E 63 -7.92 -0.28 -19.12
N GLU E 64 -6.89 0.56 -19.05
CA GLU E 64 -6.17 0.83 -17.81
C GLU E 64 -6.61 2.17 -17.26
N LEU E 65 -6.88 2.21 -15.95
CA LEU E 65 -7.28 3.43 -15.27
C LEU E 65 -6.31 3.72 -14.13
N SER E 66 -5.75 4.92 -14.13
CA SER E 66 -4.88 5.40 -13.07
C SER E 66 -5.52 6.62 -12.45
N MET E 67 -5.72 6.59 -11.13
CA MET E 67 -6.45 7.65 -10.45
C MET E 67 -5.94 7.77 -9.02
N PHE E 68 -6.50 8.75 -8.30
CA PHE E 68 -6.19 8.92 -6.89
C PHE E 68 -6.67 7.73 -6.07
N GLU E 69 -5.92 7.43 -5.01
CA GLU E 69 -6.43 6.54 -3.97
C GLU E 69 -7.64 7.19 -3.31
N GLY E 70 -8.51 6.38 -2.72
CA GLY E 70 -9.55 6.92 -1.86
C GLY E 70 -10.99 6.65 -2.28
N ARG E 71 -11.26 6.11 -3.47
CA ARG E 71 -12.63 5.75 -3.81
C ARG E 71 -12.93 4.32 -3.35
N SER E 72 -14.17 4.10 -2.95
CA SER E 72 -14.55 2.82 -2.36
C SER E 72 -14.51 1.70 -3.39
N VAL E 73 -14.50 0.47 -2.87
CA VAL E 73 -14.60 -0.71 -3.74
C VAL E 73 -15.94 -0.70 -4.47
N ALA E 74 -17.00 -0.27 -3.77
CA ALA E 74 -18.33 -0.26 -4.36
C ALA E 74 -18.38 0.65 -5.59
N ALA E 75 -17.70 1.80 -5.54
CA ALA E 75 -17.69 2.70 -6.69
C ALA E 75 -16.86 2.14 -7.84
N LYS E 76 -15.68 1.59 -7.53
CA LYS E 76 -14.86 0.98 -8.58
C LYS E 76 -15.58 -0.18 -9.24
N LYS E 77 -16.33 -0.96 -8.47
CA LYS E 77 -17.09 -2.06 -9.04
C LYS E 77 -18.22 -1.54 -9.92
N GLN E 78 -18.90 -0.48 -9.49
CA GLN E 78 -19.93 0.14 -10.33
C GLN E 78 -19.33 0.63 -11.63
N LEU E 79 -18.10 1.14 -11.60
CA LEU E 79 -17.44 1.55 -12.83
C LEU E 79 -17.17 0.36 -13.74
N ILE E 80 -16.75 -0.78 -13.17
CA ILE E 80 -16.45 -1.95 -13.98
C ILE E 80 -17.73 -2.52 -14.58
N ARG E 81 -18.80 -2.62 -13.78
CA ARG E 81 -20.07 -3.14 -14.30
C ARG E 81 -20.62 -2.25 -15.41
N LEU E 82 -20.54 -0.93 -15.23
CA LEU E 82 -21.04 -0.01 -16.25
C LEU E 82 -20.26 -0.13 -17.55
N LEU E 83 -18.93 -0.22 -17.45
CA LEU E 83 -18.10 -0.31 -18.65
C LEU E 83 -18.40 -1.58 -19.44
N PHE E 84 -18.58 -2.71 -18.74
CA PHE E 84 -18.92 -3.95 -19.43
C PHE E 84 -20.26 -3.84 -20.15
N GLU E 85 -21.25 -3.22 -19.50
CA GLU E 85 -22.58 -3.15 -20.08
C GLU E 85 -22.62 -2.19 -21.27
N ARG E 86 -21.86 -1.09 -21.20
CA ARG E 86 -22.03 0.00 -22.14
C ARG E 86 -21.17 -0.12 -23.40
N VAL E 87 -20.12 -0.94 -23.40
CA VAL E 87 -19.36 -1.16 -24.62
C VAL E 87 -20.00 -2.19 -25.53
N GLN E 88 -21.03 -2.90 -25.05
CA GLN E 88 -21.71 -3.91 -25.83
C GLN E 88 -22.17 -3.43 -27.21
N PRO E 89 -22.79 -2.26 -27.36
CA PRO E 89 -23.21 -1.83 -28.71
C PRO E 89 -22.07 -1.63 -29.68
N LEU E 90 -20.84 -1.45 -29.20
CA LEU E 90 -19.68 -1.29 -30.07
C LEU E 90 -19.05 -2.63 -30.47
N GLY E 91 -19.71 -3.75 -30.19
CA GLY E 91 -19.17 -5.03 -30.56
C GLY E 91 -18.11 -5.57 -29.64
N ILE E 92 -18.06 -5.11 -28.40
CA ILE E 92 -17.09 -5.58 -27.41
C ILE E 92 -17.89 -6.29 -26.32
N SER E 93 -17.85 -7.61 -26.33
CA SER E 93 -18.54 -8.41 -25.32
C SER E 93 -17.65 -8.62 -24.10
N ALA E 94 -18.25 -9.15 -23.04
CA ALA E 94 -17.57 -9.24 -21.75
C ALA E 94 -16.28 -10.06 -21.84
N GLN E 95 -16.28 -11.10 -22.69
CA GLN E 95 -15.06 -11.87 -22.90
C GLN E 95 -13.94 -11.03 -23.50
N ASP E 96 -14.28 -9.94 -24.19
CA ASP E 96 -13.32 -9.15 -24.95
C ASP E 96 -12.96 -7.83 -24.28
N LEU E 97 -13.26 -7.65 -23.00
CA LEU E 97 -12.91 -6.43 -22.29
C LEU E 97 -12.24 -6.78 -20.97
N GLU E 98 -11.09 -6.15 -20.72
CA GLU E 98 -10.35 -6.32 -19.47
C GLU E 98 -9.96 -4.95 -18.93
N ILE E 99 -10.15 -4.75 -17.63
CA ILE E 99 -9.98 -3.46 -16.98
C ILE E 99 -9.03 -3.63 -15.79
N THR E 100 -8.12 -2.66 -15.62
CA THR E 100 -7.23 -2.63 -14.48
C THR E 100 -7.19 -1.22 -13.91
N ILE E 101 -7.27 -1.13 -12.58
CA ILE E 101 -7.33 0.14 -11.87
C ILE E 101 -6.10 0.27 -10.99
N PHE E 102 -5.34 1.35 -11.18
CA PHE E 102 -4.19 1.66 -10.36
C PHE E 102 -4.47 2.88 -9.49
N GLU E 103 -4.10 2.80 -8.22
CA GLU E 103 -4.37 3.85 -7.25
C GLU E 103 -3.06 4.37 -6.68
N THR E 104 -2.94 5.70 -6.58
CA THR E 104 -1.76 6.37 -6.04
C THR E 104 -2.21 7.53 -5.16
N PRO E 105 -1.42 7.89 -4.15
CA PRO E 105 -1.78 9.04 -3.31
C PRO E 105 -1.69 10.35 -4.07
N LYS E 106 -2.37 11.36 -3.53
CA LYS E 106 -2.48 12.64 -4.23
C LYS E 106 -1.12 13.33 -4.36
N HIS E 107 -0.23 13.15 -3.38
CA HIS E 107 1.06 13.83 -3.45
C HIS E 107 1.98 13.24 -4.50
N ASN E 108 1.61 12.10 -5.10
CA ASN E 108 2.38 11.53 -6.20
C ASN E 108 1.99 12.10 -7.55
N TRP E 109 1.11 13.09 -7.58
CA TRP E 109 0.61 13.67 -8.81
C TRP E 109 1.08 15.12 -8.95
N GLY E 110 1.32 15.51 -10.19
CA GLY E 110 1.53 16.90 -10.52
C GLY E 110 0.56 17.33 -11.59
N PHE E 111 -0.19 18.42 -11.35
CA PHE E 111 -1.09 18.94 -12.36
C PHE E 111 -1.44 20.38 -11.99
N ARG E 112 -1.60 21.21 -13.01
CA ARG E 112 -1.91 22.64 -12.84
C ARG E 112 -0.89 23.33 -11.93
N GLY E 113 0.37 22.90 -12.05
CA GLY E 113 1.48 23.60 -11.44
C GLY E 113 1.86 23.16 -10.04
N LEU E 114 1.04 22.37 -9.37
CA LEU E 114 1.26 22.03 -7.97
C LEU E 114 1.14 20.53 -7.74
N PRO E 115 1.72 20.03 -6.65
CA PRO E 115 1.42 18.65 -6.24
C PRO E 115 -0.07 18.46 -6.00
N GLY E 116 -0.53 17.23 -6.24
CA GLY E 116 -1.96 16.97 -6.22
C GLY E 116 -2.61 17.19 -4.87
N ASP E 117 -1.86 17.01 -3.79
CA ASP E 117 -2.41 17.17 -2.45
C ASP E 117 -2.54 18.62 -2.02
N GLU E 118 -2.11 19.57 -2.84
CA GLU E 118 -2.11 20.98 -2.47
C GLU E 118 -3.16 21.81 -3.21
N HIS E 119 -3.98 21.19 -4.06
CA HIS E 119 -5.02 21.91 -4.75
C HIS E 119 -6.30 21.96 -3.91
N PRO F 1 14.76 4.25 -12.15
CA PRO F 1 13.59 5.08 -12.42
C PRO F 1 13.22 5.12 -13.91
N GLN F 2 12.04 4.60 -14.23
CA GLN F 2 11.55 4.59 -15.60
C GLN F 2 10.59 5.76 -15.82
N LEU F 3 10.77 6.45 -16.95
CA LEU F 3 9.91 7.55 -17.32
C LEU F 3 9.23 7.25 -18.65
N LYS F 4 7.98 7.69 -18.78
CA LYS F 4 7.23 7.58 -20.01
C LYS F 4 6.56 8.92 -20.27
N ILE F 5 6.69 9.42 -21.50
CA ILE F 5 6.27 10.76 -21.86
C ILE F 5 5.32 10.68 -23.03
N TYR F 6 4.14 11.29 -22.90
CA TYR F 6 3.11 11.27 -23.92
C TYR F 6 2.74 12.69 -24.33
N GLY F 7 2.44 12.87 -25.60
CA GLY F 7 2.02 14.17 -26.10
C GLY F 7 1.72 14.08 -27.57
N LEU F 8 1.07 15.13 -28.08
CA LEU F 8 0.75 15.19 -29.50
C LEU F 8 2.03 15.20 -30.32
N ARG F 9 2.10 14.31 -31.31
CA ARG F 9 3.32 14.18 -32.12
C ARG F 9 3.70 15.50 -32.76
N GLU F 10 2.72 16.28 -33.23
CA GLU F 10 3.02 17.54 -33.91
C GLU F 10 3.87 18.46 -33.05
N PHE F 11 3.69 18.42 -31.73
CA PHE F 11 4.40 19.31 -30.83
C PHE F 11 5.40 18.59 -29.93
N LEU F 12 5.33 17.27 -29.83
CA LEU F 12 6.30 16.52 -29.04
C LEU F 12 7.57 16.24 -29.83
N ASP F 13 7.43 15.95 -31.13
CA ASP F 13 8.59 15.58 -31.94
C ASP F 13 9.63 16.67 -32.08
N PRO F 14 9.29 17.97 -32.25
CA PRO F 14 10.34 18.98 -32.40
C PRO F 14 11.13 19.28 -31.13
N ILE F 15 10.71 18.80 -29.97
CA ILE F 15 11.33 19.26 -28.73
C ILE F 15 11.76 18.10 -27.82
N LYS F 16 11.66 16.86 -28.28
CA LYS F 16 11.87 15.75 -27.36
C LYS F 16 13.33 15.58 -26.97
N GLN F 17 14.28 15.95 -27.84
CA GLN F 17 15.68 15.93 -27.44
C GLN F 17 15.94 16.98 -26.36
N GLU F 18 15.41 18.19 -26.53
CA GLU F 18 15.49 19.19 -25.48
C GLU F 18 14.75 18.70 -24.24
N LEU F 19 13.49 18.30 -24.39
CA LEU F 19 12.68 17.84 -23.26
C LEU F 19 13.34 16.68 -22.53
N SER F 20 14.10 15.84 -23.24
CA SER F 20 14.74 14.70 -22.59
C SER F 20 15.79 15.16 -21.58
N ASP F 21 16.63 16.11 -21.96
CA ASP F 21 17.64 16.61 -21.03
C ASP F 21 17.00 17.39 -19.89
N ILE F 22 15.91 18.11 -20.16
CA ILE F 22 15.16 18.81 -19.11
C ILE F 22 14.72 17.82 -18.05
N ILE F 23 14.03 16.75 -18.47
CA ILE F 23 13.50 15.77 -17.53
C ILE F 23 14.62 15.08 -16.78
N ASN F 24 15.73 14.79 -17.46
CA ASN F 24 16.83 14.09 -16.81
C ASN F 24 17.50 14.95 -15.75
N SER F 25 17.64 16.25 -16.03
CA SER F 25 18.25 17.15 -15.05
C SER F 25 17.36 17.36 -13.83
N CYS F 26 16.03 17.18 -13.98
CA CYS F 26 15.15 17.22 -12.82
C CYS F 26 15.30 15.96 -11.97
N MET F 27 15.49 14.81 -12.62
CA MET F 27 15.77 13.59 -11.87
C MET F 27 17.12 13.68 -11.16
N THR F 28 18.11 14.30 -11.81
CA THR F 28 19.41 14.47 -11.18
C THR F 28 19.32 15.40 -9.97
N ASP F 29 18.73 16.59 -10.15
CA ASP F 29 18.75 17.61 -9.12
C ASP F 29 17.82 17.29 -7.96
N ALA F 30 16.66 16.68 -8.25
CA ALA F 30 15.67 16.43 -7.20
C ALA F 30 15.80 15.06 -6.55
N LEU F 31 16.29 14.06 -7.29
CA LEU F 31 16.40 12.71 -6.77
C LEU F 31 17.83 12.18 -6.72
N GLN F 32 18.83 13.01 -7.05
CA GLN F 32 20.24 12.66 -6.97
C GLN F 32 20.59 11.46 -7.84
N TYR F 33 19.81 11.19 -8.87
CA TYR F 33 20.16 10.14 -9.81
C TYR F 33 21.28 10.62 -10.73
N PRO F 34 22.23 9.76 -11.08
CA PRO F 34 23.26 10.16 -12.03
C PRO F 34 22.67 10.33 -13.41
N PRO F 35 23.17 11.29 -14.20
CA PRO F 35 22.65 11.46 -15.57
C PRO F 35 22.84 10.24 -16.45
N GLU F 36 23.81 9.37 -16.15
CA GLU F 36 24.01 8.17 -16.95
C GLU F 36 22.83 7.21 -16.85
N LYS F 37 22.01 7.33 -15.81
CA LYS F 37 20.86 6.46 -15.59
C LYS F 37 19.62 6.93 -16.35
N ARG F 38 19.79 7.71 -17.42
CA ARG F 38 18.66 8.20 -18.20
C ARG F 38 17.89 7.03 -18.80
N ASN F 39 16.57 6.99 -18.53
CA ASN F 39 15.72 5.87 -18.93
C ASN F 39 14.33 6.45 -19.25
N GLN F 40 14.12 6.78 -20.52
CA GLN F 40 12.90 7.45 -20.94
C GLN F 40 12.35 6.83 -22.22
N ARG F 41 11.03 6.76 -22.31
CA ARG F 41 10.33 6.29 -23.49
C ARG F 41 9.32 7.35 -23.92
N PHE F 42 9.40 7.77 -25.18
CA PHE F 42 8.48 8.75 -25.74
C PHE F 42 7.41 8.08 -26.58
N PHE F 43 6.18 8.58 -26.47
CA PHE F 43 5.02 8.03 -27.17
C PHE F 43 4.30 9.16 -27.88
N PRO F 44 4.77 9.55 -29.06
CA PRO F 44 4.09 10.61 -29.82
C PRO F 44 2.73 10.11 -30.31
N LEU F 45 1.69 10.86 -30.00
CA LEU F 45 0.31 10.42 -30.20
C LEU F 45 -0.37 11.19 -31.32
N GLU F 46 -1.28 10.51 -32.01
CA GLU F 46 -2.20 11.18 -32.91
C GLU F 46 -3.21 11.97 -32.09
N ARG F 47 -3.84 12.96 -32.73
CA ARG F 47 -4.79 13.81 -32.01
C ARG F 47 -6.12 13.10 -31.79
N SER F 48 -6.46 12.12 -32.63
CA SER F 48 -7.65 11.32 -32.37
C SER F 48 -7.44 10.31 -31.26
N ASP F 49 -6.20 10.07 -30.85
CA ASP F 49 -5.87 9.14 -29.78
C ASP F 49 -5.65 9.83 -28.44
N PHE F 50 -5.62 11.16 -28.41
CA PHE F 50 -5.29 11.92 -27.20
C PHE F 50 -6.46 12.83 -26.84
N PHE F 51 -7.32 12.36 -25.94
CA PHE F 51 -8.42 13.14 -25.41
C PHE F 51 -7.98 13.74 -24.08
N TYR F 52 -7.66 15.03 -24.09
CA TYR F 52 -7.33 15.77 -22.89
C TYR F 52 -8.45 16.75 -22.56
N PRO F 53 -8.51 17.28 -21.33
CA PRO F 53 -9.59 18.21 -20.97
C PRO F 53 -9.58 19.44 -21.86
N PRO F 54 -10.77 19.92 -22.27
CA PRO F 54 -10.82 21.02 -23.24
C PRO F 54 -10.26 22.34 -22.74
N ASP F 55 -10.06 22.50 -21.43
CA ASP F 55 -9.47 23.74 -20.94
C ASP F 55 -7.97 23.82 -21.16
N ARG F 56 -7.39 22.83 -21.86
CA ARG F 56 -5.97 22.77 -22.14
C ARG F 56 -5.71 22.93 -23.63
N THR F 57 -4.44 23.06 -23.98
CA THR F 57 -4.02 23.34 -25.34
C THR F 57 -3.38 22.12 -25.98
N GLU F 58 -3.09 22.26 -27.28
CA GLU F 58 -2.47 21.22 -28.08
C GLU F 58 -1.13 20.74 -27.54
N ARG F 59 -0.51 21.50 -26.63
CA ARG F 59 0.79 21.16 -26.09
C ARG F 59 0.70 20.33 -24.82
N TYR F 60 -0.48 19.80 -24.50
CA TYR F 60 -0.67 19.03 -23.28
C TYR F 60 0.26 17.82 -23.26
N THR F 61 0.88 17.58 -22.11
CA THR F 61 1.92 16.57 -21.98
C THR F 61 1.77 15.84 -20.66
N ILE F 62 1.97 14.53 -20.68
CA ILE F 62 1.89 13.68 -19.49
C ILE F 62 3.23 12.99 -19.29
N ILE F 63 3.70 12.97 -18.06
CA ILE F 63 4.92 12.27 -17.68
C ILE F 63 4.56 11.22 -16.64
N GLU F 64 4.89 9.96 -16.93
CA GLU F 64 4.71 8.86 -16.00
C GLU F 64 6.08 8.41 -15.51
N LEU F 65 6.31 8.55 -14.21
CA LEU F 65 7.55 8.10 -13.58
C LEU F 65 7.25 6.87 -12.72
N SER F 66 8.07 5.83 -12.89
CA SER F 66 7.98 4.61 -12.09
C SER F 66 9.34 4.34 -11.49
N MET F 67 9.42 4.30 -10.16
CA MET F 67 10.68 4.12 -9.46
C MET F 67 10.45 3.29 -8.21
N PHE F 68 11.54 3.09 -7.46
CA PHE F 68 11.46 2.39 -6.18
C PHE F 68 10.66 3.22 -5.18
N GLU F 69 10.01 2.53 -4.26
CA GLU F 69 9.47 3.21 -3.09
C GLU F 69 10.59 3.50 -2.11
N GLY F 70 10.38 4.51 -1.28
CA GLY F 70 11.35 4.87 -0.26
C GLY F 70 11.84 6.32 -0.30
N ARG F 71 11.61 7.05 -1.39
CA ARG F 71 11.93 8.47 -1.39
C ARG F 71 10.88 9.24 -0.61
N SER F 72 11.27 10.42 -0.15
CA SER F 72 10.37 11.22 0.68
C SER F 72 9.37 11.99 -0.18
N VAL F 73 8.24 12.34 0.43
CA VAL F 73 7.23 13.15 -0.26
C VAL F 73 7.81 14.48 -0.67
N ALA F 74 8.63 15.09 0.20
CA ALA F 74 9.22 16.38 -0.10
C ALA F 74 10.17 16.30 -1.30
N ALA F 75 10.88 15.18 -1.44
CA ALA F 75 11.77 15.00 -2.59
C ALA F 75 10.98 14.82 -3.88
N LYS F 76 9.84 14.14 -3.82
CA LYS F 76 9.03 13.96 -5.02
C LYS F 76 8.33 15.25 -5.42
N LYS F 77 7.91 16.05 -4.44
CA LYS F 77 7.33 17.35 -4.74
C LYS F 77 8.37 18.28 -5.36
N GLN F 78 9.61 18.21 -4.87
CA GLN F 78 10.71 18.96 -5.48
C GLN F 78 10.82 18.64 -6.97
N LEU F 79 10.79 17.35 -7.31
CA LEU F 79 10.84 16.95 -8.71
C LEU F 79 9.67 17.52 -9.49
N ILE F 80 8.47 17.48 -8.90
CA ILE F 80 7.28 18.03 -9.56
C ILE F 80 7.47 19.52 -9.83
N ARG F 81 7.96 20.25 -8.83
CA ARG F 81 8.15 21.70 -8.98
C ARG F 81 9.17 22.01 -10.06
N LEU F 82 10.32 21.31 -10.03
CA LEU F 82 11.35 21.55 -11.04
C LEU F 82 10.84 21.26 -12.45
N LEU F 83 10.09 20.16 -12.60
CA LEU F 83 9.58 19.80 -13.92
C LEU F 83 8.66 20.88 -14.48
N PHE F 84 7.76 21.42 -13.65
CA PHE F 84 6.89 22.49 -14.11
C PHE F 84 7.70 23.74 -14.47
N GLU F 85 8.75 24.02 -13.71
CA GLU F 85 9.56 25.21 -13.99
C GLU F 85 10.37 25.05 -15.27
N ARG F 86 11.03 23.91 -15.44
CA ARG F 86 12.05 23.78 -16.48
C ARG F 86 11.49 23.43 -17.84
N VAL F 87 10.27 22.90 -17.93
CA VAL F 87 9.64 22.66 -19.24
C VAL F 87 8.87 23.87 -19.73
N GLN F 88 8.65 24.86 -18.86
CA GLN F 88 7.95 26.08 -19.27
C GLN F 88 8.62 26.80 -20.45
N PRO F 89 9.96 26.85 -20.57
CA PRO F 89 10.55 27.47 -21.77
C PRO F 89 10.32 26.72 -23.06
N LEU F 90 9.88 25.46 -23.02
CA LEU F 90 9.64 24.68 -24.22
C LEU F 90 8.25 24.92 -24.83
N GLY F 91 7.48 25.85 -24.27
CA GLY F 91 6.11 26.07 -24.70
C GLY F 91 5.07 25.30 -23.92
N ILE F 92 5.48 24.52 -22.91
CA ILE F 92 4.58 23.71 -22.10
C ILE F 92 4.34 24.47 -20.80
N SER F 93 3.18 25.13 -20.70
CA SER F 93 2.82 25.82 -19.48
C SER F 93 2.28 24.83 -18.45
N ALA F 94 2.16 25.29 -17.21
CA ALA F 94 1.77 24.41 -16.11
C ALA F 94 0.41 23.77 -16.35
N GLN F 95 -0.49 24.48 -17.04
CA GLN F 95 -1.78 23.88 -17.39
C GLN F 95 -1.62 22.71 -18.35
N ASP F 96 -0.50 22.64 -19.09
CA ASP F 96 -0.32 21.66 -20.14
C ASP F 96 0.63 20.53 -19.74
N LEU F 97 0.88 20.34 -18.45
CA LEU F 97 1.74 19.26 -17.96
C LEU F 97 1.05 18.54 -16.81
N GLU F 98 1.11 17.21 -16.84
CA GLU F 98 0.56 16.39 -15.78
C GLU F 98 1.53 15.26 -15.45
N ILE F 99 1.83 15.09 -14.17
CA ILE F 99 2.83 14.14 -13.70
C ILE F 99 2.16 13.12 -12.78
N THR F 100 2.59 11.86 -12.89
CA THR F 100 2.11 10.80 -12.00
C THR F 100 3.27 9.89 -11.66
N ILE F 101 3.52 9.69 -10.36
CA ILE F 101 4.64 8.88 -9.89
C ILE F 101 4.10 7.56 -9.36
N PHE F 102 4.68 6.46 -9.84
CA PHE F 102 4.32 5.13 -9.38
C PHE F 102 5.48 4.53 -8.61
N GLU F 103 5.19 3.94 -7.46
CA GLU F 103 6.19 3.37 -6.57
C GLU F 103 5.94 1.88 -6.36
N THR F 104 7.01 1.11 -6.32
CA THR F 104 6.95 -0.34 -6.11
C THR F 104 8.14 -0.76 -5.25
N PRO F 105 8.01 -1.85 -4.50
CA PRO F 105 9.15 -2.32 -3.71
C PRO F 105 10.30 -2.78 -4.59
N LYS F 106 11.50 -2.75 -4.02
CA LYS F 106 12.69 -3.12 -4.78
C LYS F 106 12.61 -4.56 -5.27
N HIS F 107 12.07 -5.46 -4.45
CA HIS F 107 12.00 -6.87 -4.84
C HIS F 107 10.98 -7.13 -5.94
N ASN F 108 10.23 -6.12 -6.36
CA ASN F 108 9.36 -6.23 -7.52
C ASN F 108 10.07 -5.86 -8.83
N TRP F 109 11.31 -5.40 -8.75
CA TRP F 109 12.08 -4.99 -9.91
C TRP F 109 13.11 -6.05 -10.29
N GLY F 110 13.43 -6.11 -11.57
CA GLY F 110 14.50 -6.93 -12.07
C GLY F 110 15.41 -6.14 -12.98
N PHE F 111 16.71 -6.11 -12.67
CA PHE F 111 17.66 -5.39 -13.50
C PHE F 111 19.06 -5.92 -13.22
N ARG F 112 19.88 -5.93 -14.27
CA ARG F 112 21.25 -6.45 -14.20
C ARG F 112 21.28 -7.87 -13.63
N GLY F 113 20.30 -8.68 -14.05
CA GLY F 113 20.28 -10.09 -13.77
C GLY F 113 19.60 -10.49 -12.47
N LEU F 114 19.36 -9.56 -11.56
CA LEU F 114 18.92 -9.94 -10.23
C LEU F 114 17.72 -9.11 -9.77
N PRO F 115 16.92 -9.65 -8.85
CA PRO F 115 15.87 -8.85 -8.21
C PRO F 115 16.44 -7.60 -7.55
N GLY F 116 15.62 -6.56 -7.50
CA GLY F 116 16.12 -5.24 -7.20
C GLY F 116 16.69 -5.09 -5.80
N ASP F 117 16.19 -5.90 -4.86
CA ASP F 117 16.69 -5.79 -3.50
C ASP F 117 18.01 -6.52 -3.29
N GLU F 118 18.61 -7.06 -4.34
CA GLU F 118 19.94 -7.65 -4.25
C GLU F 118 20.90 -6.95 -5.21
#